data_7QSG
#
_entry.id   7QSG
#
_cell.length_a   136.261
_cell.length_b   77.400
_cell.length_c   101.210
_cell.angle_alpha   90.000
_cell.angle_beta   106.490
_cell.angle_gamma   90.000
#
_symmetry.space_group_name_H-M   'C 1 2 1'
#
_entity_poly.entity_id   1
_entity_poly.type   'polypeptide(L)'
_entity_poly.pdbx_seq_one_letter_code
;MKHHHHHHPMSDYDIPTTENLYFQGAMRIALLSYRSKTHCGGQGVYVRHLSRELAELGHDVEVFSGQPYPEGLDPRVRLT
KVPSLDLYREPDPFRIPRPSEIKTSIDLEELLTTWTAGFPEPKTFSLRAARVLAGRRGDFDVVHDNQCLGTGLLQIAKMG
FPLVATVHHPITRDREVEVAAARWWRKPLVRRWYGFVEMQKRVARQIPELLTVSSASASDILTDFAVSPEQLHVVPLGVD
TKLFQPREGRVRNRIIAIASADVPLKGVSHLLHAVARLRVERDVELQLVTKLEPNGPTEKLIAELGISDIVHTSSGLSDE
ELAALLASAEVACIPSLYEGFSLPAVEAMASGTPIVASRAGALPEVVGPDGECARLVTPADVDELTAVLGRLLDSPRELR
RLGDNGRRRAVEVFSWQSVAAQTVAVYEKAIARVAAC
;
_entity_poly.pdbx_strand_id   A,B
#
# COMPACT_ATOMS: atom_id res chain seq x y z
N GLN A 24 6.56 12.65 -30.50
CA GLN A 24 5.95 12.26 -31.76
C GLN A 24 6.71 11.09 -32.39
N GLY A 25 5.99 10.24 -33.13
CA GLY A 25 6.62 9.13 -33.81
C GLY A 25 6.64 7.86 -32.97
N ALA A 26 7.43 6.90 -33.47
CA ALA A 26 7.57 5.61 -32.80
C ALA A 26 8.51 5.76 -31.61
N MET A 27 7.97 5.61 -30.40
CA MET A 27 8.79 5.67 -29.21
C MET A 27 9.60 4.39 -29.05
N ARG A 28 10.85 4.54 -28.63
CA ARG A 28 11.71 3.38 -28.35
C ARG A 28 11.63 3.06 -26.87
N ILE A 29 11.13 1.87 -26.55
CA ILE A 29 10.84 1.46 -25.19
C ILE A 29 11.61 0.18 -24.87
N ALA A 30 12.28 0.17 -23.72
CA ALA A 30 12.99 -1.01 -23.22
C ALA A 30 12.16 -1.61 -22.09
N LEU A 31 11.56 -2.77 -22.35
CA LEU A 31 10.72 -3.45 -21.37
C LEU A 31 11.56 -4.51 -20.66
N LEU A 32 11.75 -4.32 -19.35
CA LEU A 32 12.62 -5.17 -18.55
C LEU A 32 11.77 -6.08 -17.66
N SER A 33 12.09 -7.37 -17.67
CA SER A 33 11.36 -8.35 -16.87
C SER A 33 12.34 -9.44 -16.45
N TYR A 34 12.68 -9.49 -15.16
CA TYR A 34 13.64 -10.48 -14.68
C TYR A 34 13.12 -11.90 -14.85
N ARG A 35 11.81 -12.09 -14.76
CA ARG A 35 11.18 -13.37 -15.05
C ARG A 35 9.95 -13.12 -15.91
N SER A 36 9.68 -14.05 -16.83
CA SER A 36 8.58 -13.89 -17.76
C SER A 36 7.96 -15.25 -18.08
N LYS A 37 7.38 -15.88 -17.07
CA LYS A 37 6.66 -17.14 -17.29
C LYS A 37 5.45 -16.89 -18.18
N THR A 38 5.22 -17.82 -19.11
CA THR A 38 4.20 -17.61 -20.14
C THR A 38 2.81 -17.45 -19.55
N HIS A 39 2.53 -18.08 -18.40
CA HIS A 39 1.19 -18.13 -17.87
C HIS A 39 0.97 -17.31 -16.61
N CYS A 40 2.02 -16.71 -16.03
CA CYS A 40 1.84 -15.88 -14.86
C CYS A 40 1.17 -14.56 -15.27
N GLY A 41 0.31 -14.05 -14.39
CA GLY A 41 -0.46 -12.85 -14.68
C GLY A 41 0.44 -11.67 -14.93
N GLY A 42 1.22 -11.32 -13.92
CA GLY A 42 2.39 -10.48 -14.12
C GLY A 42 3.45 -11.27 -14.87
N GLN A 43 4.62 -10.66 -15.01
CA GLN A 43 5.75 -11.24 -15.75
C GLN A 43 5.31 -11.48 -17.18
N GLY A 44 5.10 -12.72 -17.63
CA GLY A 44 4.99 -13.01 -19.05
C GLY A 44 3.74 -12.45 -19.70
N VAL A 45 2.58 -12.73 -19.10
CA VAL A 45 1.32 -12.25 -19.68
C VAL A 45 1.32 -10.73 -19.80
N TYR A 46 1.80 -10.05 -18.76
CA TYR A 46 1.94 -8.60 -18.82
C TYR A 46 2.90 -8.19 -19.95
N VAL A 47 4.00 -8.92 -20.10
CA VAL A 47 4.98 -8.57 -21.13
C VAL A 47 4.44 -8.86 -22.52
N ARG A 48 3.75 -9.99 -22.69
CA ARG A 48 3.24 -10.38 -24.00
C ARG A 48 2.17 -9.41 -24.50
N HIS A 49 1.21 -9.07 -23.64
CA HIS A 49 0.09 -8.23 -24.08
C HIS A 49 0.47 -6.76 -24.19
N LEU A 50 1.32 -6.28 -23.29
CA LEU A 50 1.72 -4.87 -23.37
C LEU A 50 2.60 -4.62 -24.59
N SER A 51 3.50 -5.55 -24.90
CA SER A 51 4.39 -5.37 -26.05
C SER A 51 3.61 -5.36 -27.36
N ARG A 52 2.63 -6.27 -27.50
CA ARG A 52 1.84 -6.32 -28.72
C ARG A 52 1.05 -5.02 -28.92
N GLU A 53 0.45 -4.51 -27.85
CA GLU A 53 -0.39 -3.32 -27.98
C GLU A 53 0.45 -2.07 -28.16
N LEU A 54 1.64 -2.01 -27.56
CA LEU A 54 2.53 -0.88 -27.81
C LEU A 54 3.00 -0.86 -29.26
N ALA A 55 3.35 -2.04 -29.80
CA ALA A 55 3.72 -2.12 -31.21
C ALA A 55 2.55 -1.83 -32.12
N GLU A 56 1.34 -2.22 -31.71
CA GLU A 56 0.15 -1.90 -32.51
C GLU A 56 -0.13 -0.41 -32.50
N LEU A 57 0.24 0.29 -31.43
CA LEU A 57 0.15 1.74 -31.43
C LEU A 57 1.19 2.38 -32.35
N GLY A 58 2.21 1.64 -32.74
CA GLY A 58 3.25 2.12 -33.63
C GLY A 58 4.63 2.24 -33.01
N HIS A 59 4.75 2.06 -31.70
CA HIS A 59 6.03 2.21 -31.04
C HIS A 59 6.88 0.96 -31.21
N ASP A 60 8.20 1.13 -31.11
CA ASP A 60 9.15 0.04 -31.22
C ASP A 60 9.55 -0.41 -29.83
N VAL A 61 9.25 -1.68 -29.50
CA VAL A 61 9.48 -2.22 -28.17
C VAL A 61 10.57 -3.29 -28.25
N GLU A 62 11.55 -3.20 -27.35
CA GLU A 62 12.59 -4.21 -27.22
C GLU A 62 12.59 -4.71 -25.78
N VAL A 63 12.29 -6.00 -25.61
CA VAL A 63 12.13 -6.61 -24.29
C VAL A 63 13.45 -7.25 -23.87
N PHE A 64 13.87 -6.98 -22.64
CA PHE A 64 15.04 -7.59 -22.03
C PHE A 64 14.55 -8.49 -20.90
N SER A 65 14.73 -9.81 -21.07
CA SER A 65 14.17 -10.78 -20.15
C SER A 65 15.19 -11.82 -19.76
N GLY A 66 14.96 -12.45 -18.61
CA GLY A 66 15.74 -13.58 -18.16
C GLY A 66 14.90 -14.84 -18.05
N GLN A 67 15.49 -15.91 -17.53
CA GLN A 67 14.75 -17.16 -17.38
C GLN A 67 13.70 -17.01 -16.27
N PRO A 68 12.46 -17.47 -16.51
CA PRO A 68 11.97 -18.10 -17.74
C PRO A 68 11.73 -17.10 -18.87
N TYR A 69 12.19 -17.43 -20.07
CA TYR A 69 12.07 -16.53 -21.21
C TYR A 69 10.64 -16.50 -21.73
N PRO A 70 10.20 -15.37 -22.28
CA PRO A 70 8.83 -15.26 -22.79
C PRO A 70 8.59 -16.20 -23.96
N GLU A 71 7.32 -16.33 -24.34
CA GLU A 71 6.94 -17.26 -25.39
C GLU A 71 6.35 -16.53 -26.60
N GLY A 72 5.08 -16.17 -26.53
CA GLY A 72 4.40 -15.60 -27.68
C GLY A 72 4.50 -14.10 -27.81
N LEU A 73 5.71 -13.60 -28.06
CA LEU A 73 5.89 -12.18 -28.30
C LEU A 73 5.61 -11.86 -29.77
N ASP A 74 5.08 -10.66 -29.99
CA ASP A 74 4.74 -10.23 -31.34
C ASP A 74 6.02 -10.14 -32.18
N PRO A 75 6.01 -10.64 -33.42
CA PRO A 75 7.16 -10.44 -34.31
C PRO A 75 7.66 -9.00 -34.37
N ARG A 76 6.77 -8.02 -34.18
CA ARG A 76 7.15 -6.62 -34.15
C ARG A 76 7.82 -6.21 -32.84
N VAL A 77 8.10 -7.17 -31.96
CA VAL A 77 8.73 -6.91 -30.67
C VAL A 77 10.01 -7.75 -30.59
N ARG A 78 11.14 -7.09 -30.35
CA ARG A 78 12.43 -7.77 -30.27
C ARG A 78 12.72 -8.17 -28.84
N LEU A 79 13.32 -9.34 -28.68
CA LEU A 79 13.65 -9.89 -27.37
C LEU A 79 15.17 -10.00 -27.25
N THR A 80 15.71 -9.52 -26.13
CA THR A 80 17.13 -9.60 -25.83
C THR A 80 17.29 -10.38 -24.54
N LYS A 81 17.91 -11.56 -24.63
CA LYS A 81 18.04 -12.44 -23.48
C LYS A 81 19.15 -11.95 -22.55
N VAL A 82 18.81 -11.74 -21.28
CA VAL A 82 19.79 -11.42 -20.26
C VAL A 82 20.05 -12.70 -19.45
N PRO A 83 21.08 -13.47 -19.81
CA PRO A 83 21.24 -14.80 -19.19
C PRO A 83 21.60 -14.70 -17.71
N SER A 84 21.05 -15.62 -16.94
CA SER A 84 21.37 -15.74 -15.52
C SER A 84 21.32 -17.20 -15.14
N LEU A 85 22.10 -17.56 -14.12
CA LEU A 85 22.11 -18.92 -13.61
C LEU A 85 20.76 -19.21 -12.95
N ASP A 86 19.90 -19.92 -13.67
CA ASP A 86 18.57 -20.25 -13.16
C ASP A 86 18.67 -21.46 -12.22
N LEU A 87 19.27 -21.19 -11.05
CA LEU A 87 19.44 -22.24 -10.05
C LEU A 87 18.11 -22.74 -9.49
N TYR A 88 17.02 -22.02 -9.73
CA TYR A 88 15.69 -22.44 -9.29
C TYR A 88 14.90 -23.11 -10.41
N ARG A 89 15.59 -23.76 -11.34
CA ARG A 89 14.93 -24.41 -12.45
C ARG A 89 14.10 -25.60 -11.96
N GLU A 90 13.03 -25.89 -12.71
CA GLU A 90 12.15 -26.99 -12.34
C GLU A 90 12.85 -28.35 -12.35
N PRO A 91 13.65 -28.72 -13.36
CA PRO A 91 14.28 -30.05 -13.30
C PRO A 91 15.35 -30.18 -12.23
N ASP A 92 16.15 -29.15 -12.00
CA ASP A 92 17.27 -29.23 -11.07
C ASP A 92 17.36 -27.99 -10.19
N PRO A 93 17.63 -28.17 -8.89
CA PRO A 93 17.88 -27.06 -7.96
C PRO A 93 19.25 -26.42 -8.18
N LYS A 103 29.67 -26.33 -13.06
CA LYS A 103 29.14 -25.08 -12.54
C LYS A 103 30.26 -24.11 -12.18
N THR A 104 31.51 -24.56 -12.37
CA THR A 104 32.66 -23.74 -12.03
C THR A 104 32.86 -22.59 -13.00
N SER A 105 32.25 -22.64 -14.18
CA SER A 105 32.47 -21.63 -15.20
C SER A 105 31.31 -20.64 -15.21
N ILE A 106 31.20 -19.88 -14.13
CA ILE A 106 30.31 -18.73 -14.05
C ILE A 106 31.09 -17.50 -14.48
N ASP A 107 30.53 -16.75 -15.42
CA ASP A 107 31.29 -15.76 -16.17
C ASP A 107 31.22 -14.35 -15.59
N LEU A 108 30.18 -14.01 -14.83
CA LEU A 108 29.98 -12.65 -14.35
C LEU A 108 30.03 -12.59 -12.84
N GLU A 109 30.51 -11.45 -12.32
CA GLU A 109 30.48 -11.21 -10.88
C GLU A 109 29.07 -11.07 -10.36
N GLU A 110 28.11 -10.75 -11.23
CA GLU A 110 26.71 -10.72 -10.81
C GLU A 110 26.24 -12.11 -10.37
N LEU A 111 26.81 -13.16 -10.93
CA LEU A 111 26.50 -14.52 -10.50
C LEU A 111 26.90 -14.72 -9.04
N LEU A 112 25.91 -14.68 -8.14
CA LEU A 112 26.18 -14.79 -6.71
C LEU A 112 26.13 -16.23 -6.20
N THR A 113 25.31 -17.08 -6.83
CA THR A 113 25.05 -18.46 -6.40
C THR A 113 25.05 -18.59 -4.87
N THR A 114 24.38 -17.66 -4.22
CA THR A 114 24.33 -17.61 -2.75
C THR A 114 23.09 -18.36 -2.26
N TRP A 115 23.32 -19.51 -1.65
CA TRP A 115 22.25 -20.26 -0.99
C TRP A 115 21.84 -19.64 0.34
N THR A 116 22.47 -18.53 0.74
CA THR A 116 22.18 -17.87 2.01
C THR A 116 20.73 -17.40 2.08
N PHE A 119 17.29 -14.85 -2.46
CA PHE A 119 16.80 -14.63 -3.81
C PHE A 119 17.43 -13.37 -4.42
N PRO A 120 18.55 -13.55 -5.10
CA PRO A 120 19.27 -12.41 -5.69
C PRO A 120 18.91 -12.10 -7.14
N GLU A 121 18.04 -12.89 -7.77
CA GLU A 121 17.77 -12.71 -9.20
C GLU A 121 17.27 -11.32 -9.54
N PRO A 122 16.32 -10.72 -8.81
CA PRO A 122 15.95 -9.33 -9.14
C PRO A 122 17.10 -8.34 -8.95
N LYS A 123 17.93 -8.54 -7.93
CA LYS A 123 19.08 -7.66 -7.75
C LYS A 123 20.09 -7.86 -8.88
N THR A 124 20.35 -9.11 -9.26
CA THR A 124 21.35 -9.37 -10.29
C THR A 124 20.84 -9.01 -11.68
N PHE A 125 19.54 -9.16 -11.93
CA PHE A 125 18.99 -8.79 -13.24
C PHE A 125 19.14 -7.30 -13.49
N SER A 126 18.85 -6.47 -12.48
CA SER A 126 19.00 -5.03 -12.64
C SER A 126 20.45 -4.65 -12.87
N LEU A 127 21.39 -5.41 -12.31
CA LEU A 127 22.80 -5.13 -12.54
C LEU A 127 23.20 -5.48 -13.98
N ARG A 128 22.84 -6.69 -14.44
CA ARG A 128 23.17 -7.08 -15.80
C ARG A 128 22.46 -6.22 -16.83
N ALA A 129 21.26 -5.74 -16.49
CA ALA A 129 20.55 -4.84 -17.40
C ALA A 129 21.24 -3.49 -17.50
N ALA A 130 21.90 -3.05 -16.43
CA ALA A 130 22.66 -1.80 -16.48
C ALA A 130 23.87 -1.91 -17.40
N ARG A 131 24.43 -3.12 -17.53
CA ARG A 131 25.56 -3.31 -18.46
C ARG A 131 25.11 -3.18 -19.91
N VAL A 132 23.93 -3.73 -20.23
CA VAL A 132 23.43 -3.64 -21.59
C VAL A 132 22.88 -2.24 -21.88
N LEU A 133 22.27 -1.60 -20.87
CA LEU A 133 21.71 -0.27 -21.07
C LEU A 133 22.80 0.77 -21.31
N ALA A 134 24.01 0.54 -20.78
CA ALA A 134 25.10 1.48 -21.00
C ALA A 134 25.56 1.50 -22.45
N GLY A 135 25.41 0.38 -23.16
CA GLY A 135 25.80 0.33 -24.56
C GLY A 135 24.83 1.00 -25.52
N ARG A 136 23.63 1.30 -25.05
CA ARG A 136 22.58 1.90 -25.88
C ARG A 136 22.01 3.14 -25.20
N ARG A 137 22.90 4.05 -24.77
CA ARG A 137 22.47 5.21 -23.99
C ARG A 137 21.52 6.11 -24.77
N GLY A 138 21.71 6.22 -26.08
CA GLY A 138 20.85 7.04 -26.91
C GLY A 138 19.85 6.28 -27.75
N ASP A 139 19.64 4.99 -27.48
CA ASP A 139 18.78 4.15 -28.30
C ASP A 139 17.39 3.93 -27.72
N PHE A 140 17.14 4.37 -26.49
CA PHE A 140 15.85 4.14 -25.85
C PHE A 140 15.31 5.45 -25.29
N ASP A 141 13.99 5.62 -25.41
CA ASP A 141 13.31 6.77 -24.85
C ASP A 141 12.87 6.54 -23.40
N VAL A 142 12.29 5.37 -23.13
CA VAL A 142 11.87 4.98 -21.79
C VAL A 142 12.42 3.60 -21.49
N VAL A 143 12.69 3.36 -20.19
CA VAL A 143 13.03 2.03 -19.70
C VAL A 143 11.96 1.66 -18.68
N HIS A 144 11.15 0.67 -19.02
CA HIS A 144 10.05 0.23 -18.17
C HIS A 144 10.43 -1.07 -17.47
N ASP A 145 10.19 -1.12 -16.16
CA ASP A 145 10.57 -2.27 -15.34
C ASP A 145 9.32 -3.03 -14.87
N ASN A 146 9.42 -4.35 -14.84
CA ASN A 146 8.30 -5.21 -14.46
C ASN A 146 8.55 -5.80 -13.06
N GLN A 147 8.43 -4.93 -12.06
CA GLN A 147 8.53 -5.31 -10.64
C GLN A 147 9.85 -6.02 -10.34
N CYS A 148 10.94 -5.54 -10.94
CA CYS A 148 12.26 -6.02 -10.56
C CYS A 148 12.81 -5.21 -9.39
N LEU A 149 12.80 -3.88 -9.54
CA LEU A 149 13.11 -2.95 -8.44
C LEU A 149 14.47 -3.24 -7.82
N GLY A 150 15.47 -3.47 -8.67
CA GLY A 150 16.81 -3.73 -8.20
C GLY A 150 17.66 -2.47 -8.15
N THR A 151 18.84 -2.61 -7.55
CA THR A 151 19.74 -1.47 -7.43
C THR A 151 20.31 -1.04 -8.78
N GLY A 152 20.46 -1.99 -9.71
CA GLY A 152 20.99 -1.65 -11.02
C GLY A 152 20.08 -0.73 -11.82
N LEU A 153 18.79 -0.74 -11.50
CA LEU A 153 17.85 0.18 -12.15
C LEU A 153 18.16 1.63 -11.78
N LEU A 154 18.61 1.86 -10.54
CA LEU A 154 19.00 3.22 -10.16
C LEU A 154 20.22 3.68 -10.95
N GLN A 155 21.08 2.75 -11.36
CA GLN A 155 22.19 3.11 -12.23
C GLN A 155 21.72 3.42 -13.64
N ILE A 156 20.64 2.76 -14.09
CA ILE A 156 20.10 3.04 -15.41
C ILE A 156 19.54 4.46 -15.48
N ALA A 157 18.82 4.87 -14.42
CA ALA A 157 18.35 6.26 -14.36
C ALA A 157 19.52 7.23 -14.26
N LYS A 158 20.60 6.83 -13.61
CA LYS A 158 21.79 7.66 -13.55
C LYS A 158 22.47 7.80 -14.91
N MET A 159 22.20 6.88 -15.84
CA MET A 159 22.73 6.97 -17.19
C MET A 159 21.94 7.91 -18.08
N GLY A 160 20.85 8.49 -17.58
CA GLY A 160 20.03 9.39 -18.36
C GLY A 160 18.73 8.79 -18.85
N PHE A 161 18.48 7.51 -18.60
CA PHE A 161 17.25 6.88 -19.05
C PHE A 161 16.09 7.27 -18.14
N PRO A 162 15.00 7.83 -18.68
CA PRO A 162 13.77 7.93 -17.88
C PRO A 162 13.30 6.54 -17.47
N LEU A 163 12.99 6.38 -16.20
CA LEU A 163 12.72 5.08 -15.61
C LEU A 163 11.29 5.01 -15.09
N VAL A 164 10.57 3.99 -15.50
CA VAL A 164 9.22 3.70 -15.01
C VAL A 164 9.20 2.24 -14.54
N ALA A 165 8.61 2.00 -13.39
CA ALA A 165 8.54 0.67 -12.81
C ALA A 165 7.10 0.28 -12.54
N THR A 166 6.74 -0.94 -12.90
CA THR A 166 5.40 -1.47 -12.65
C THR A 166 5.47 -2.43 -11.47
N VAL A 167 4.77 -2.10 -10.38
CA VAL A 167 4.72 -2.93 -9.19
C VAL A 167 3.35 -3.59 -9.15
N HIS A 168 3.31 -4.89 -9.48
CA HIS A 168 2.04 -5.62 -9.46
C HIS A 168 1.60 -5.90 -8.04
N HIS A 169 2.52 -6.38 -7.19
CA HIS A 169 2.18 -6.83 -5.85
C HIS A 169 3.36 -6.57 -4.91
N PRO A 170 3.16 -5.76 -3.87
CA PRO A 170 4.25 -5.53 -2.90
C PRO A 170 4.59 -6.80 -2.15
N ILE A 171 5.82 -7.28 -2.33
CA ILE A 171 6.25 -8.54 -1.71
C ILE A 171 6.56 -8.40 -0.23
N THR A 172 6.42 -7.19 0.33
CA THR A 172 6.58 -7.02 1.78
C THR A 172 5.59 -7.86 2.57
N ARG A 173 4.50 -8.31 1.95
CA ARG A 173 3.54 -9.20 2.60
C ARG A 173 4.18 -10.54 2.92
N ASP A 174 4.86 -10.62 4.05
CA ASP A 174 5.52 -11.87 4.47
C ASP A 174 4.58 -12.68 5.38
N ARG A 175 3.40 -12.97 4.84
CA ARG A 175 2.42 -13.74 5.60
C ARG A 175 2.92 -15.16 5.86
N GLU A 176 3.71 -15.72 4.94
CA GLU A 176 4.23 -17.06 5.13
C GLU A 176 5.28 -17.14 6.23
N VAL A 177 5.82 -15.99 6.66
CA VAL A 177 6.84 -16.00 7.71
C VAL A 177 6.26 -16.56 9.00
N GLU A 178 4.97 -16.28 9.26
CA GLU A 178 4.29 -16.81 10.42
C GLU A 178 4.13 -18.33 10.32
N ARG A 192 11.69 -18.19 -2.31
CA ARG A 192 12.93 -18.05 -1.56
C ARG A 192 12.79 -16.99 -0.47
N TRP A 193 13.90 -16.67 0.20
CA TRP A 193 13.87 -15.70 1.28
C TRP A 193 13.57 -14.31 0.75
N TYR A 194 12.83 -13.53 1.54
CA TYR A 194 12.35 -12.21 1.12
C TYR A 194 13.28 -11.08 1.53
N GLY A 195 14.59 -11.35 1.66
CA GLY A 195 15.52 -10.29 1.98
C GLY A 195 15.68 -9.26 0.88
N PHE A 196 15.38 -9.63 -0.36
CA PHE A 196 15.50 -8.70 -1.48
C PHE A 196 14.47 -7.59 -1.42
N VAL A 197 13.34 -7.81 -0.73
CA VAL A 197 12.28 -6.80 -0.71
C VAL A 197 12.74 -5.55 0.03
N GLU A 198 13.70 -5.68 0.95
CA GLU A 198 14.29 -4.50 1.58
C GLU A 198 15.00 -3.63 0.56
N MET A 199 15.57 -4.24 -0.48
CA MET A 199 16.18 -3.46 -1.55
C MET A 199 15.10 -2.83 -2.44
N GLN A 200 13.99 -3.54 -2.65
CA GLN A 200 12.94 -3.04 -3.55
C GLN A 200 12.31 -1.76 -3.02
N LYS A 201 12.01 -1.72 -1.71
CA LYS A 201 11.38 -0.53 -1.14
C LYS A 201 12.31 0.69 -1.23
N ARG A 202 13.63 0.46 -1.17
CA ARG A 202 14.57 1.57 -1.30
C ARG A 202 14.68 2.04 -2.75
N VAL A 203 14.35 1.19 -3.72
CA VAL A 203 14.40 1.57 -5.13
C VAL A 203 13.11 2.23 -5.58
N ALA A 204 11.97 1.61 -5.25
CA ALA A 204 10.68 2.16 -5.67
C ALA A 204 10.44 3.54 -5.05
N ARG A 205 11.02 3.80 -3.87
CA ARG A 205 10.88 5.11 -3.25
C ARG A 205 11.63 6.20 -4.01
N GLN A 206 12.46 5.83 -4.99
CA GLN A 206 13.27 6.80 -5.73
C GLN A 206 12.98 6.76 -7.23
N ILE A 207 12.00 5.99 -7.68
CA ILE A 207 11.57 5.97 -9.07
C ILE A 207 10.35 6.88 -9.20
N PRO A 208 10.47 8.04 -9.84
CA PRO A 208 9.36 9.02 -9.78
C PRO A 208 8.04 8.50 -10.32
N GLU A 209 8.05 7.67 -11.35
CA GLU A 209 6.82 7.14 -11.95
C GLU A 209 6.70 5.65 -11.63
N LEU A 210 5.71 5.30 -10.82
CA LEU A 210 5.45 3.93 -10.42
C LEU A 210 4.08 3.49 -10.90
N LEU A 211 4.01 2.30 -11.49
CA LEU A 211 2.78 1.75 -12.03
C LEU A 211 2.30 0.60 -11.15
N THR A 212 1.05 0.66 -10.72
CA THR A 212 0.43 -0.42 -9.98
C THR A 212 -0.94 -0.72 -10.58
N VAL A 213 -1.38 -1.97 -10.42
CA VAL A 213 -2.54 -2.46 -11.16
C VAL A 213 -3.88 -2.19 -10.47
N SER A 214 -3.88 -1.93 -9.17
CA SER A 214 -5.13 -1.67 -8.47
C SER A 214 -4.88 -0.73 -7.30
N SER A 215 -5.96 -0.13 -6.80
CA SER A 215 -5.87 0.69 -5.60
C SER A 215 -5.52 -0.15 -4.38
N ALA A 216 -5.92 -1.43 -4.38
CA ALA A 216 -5.55 -2.31 -3.28
C ALA A 216 -4.05 -2.52 -3.23
N SER A 217 -3.42 -2.68 -4.39
CA SER A 217 -1.96 -2.75 -4.43
C SER A 217 -1.32 -1.39 -4.19
N ALA A 218 -2.01 -0.31 -4.55
CA ALA A 218 -1.48 1.02 -4.30
C ALA A 218 -1.46 1.35 -2.80
N SER A 219 -2.53 1.01 -2.09
CA SER A 219 -2.58 1.28 -0.66
C SER A 219 -1.58 0.42 0.09
N ASP A 220 -1.38 -0.83 -0.33
CA ASP A 220 -0.39 -1.68 0.31
C ASP A 220 1.04 -1.28 -0.05
N ILE A 221 1.22 -0.49 -1.11
CA ILE A 221 2.52 0.07 -1.40
C ILE A 221 2.77 1.32 -0.57
N LEU A 222 1.74 2.15 -0.38
CA LEU A 222 1.87 3.32 0.49
C LEU A 222 2.18 2.91 1.92
N THR A 223 1.55 1.83 2.40
CA THR A 223 1.76 1.40 3.78
C THR A 223 3.16 0.81 3.97
N ASP A 224 3.60 -0.02 3.03
CA ASP A 224 4.82 -0.81 3.19
C ASP A 224 6.05 -0.14 2.58
N PHE A 225 5.98 0.18 1.29
CA PHE A 225 7.12 0.76 0.59
C PHE A 225 7.40 2.21 1.01
N ALA A 226 6.44 2.87 1.68
CA ALA A 226 6.56 4.28 2.05
C ALA A 226 6.82 5.16 0.83
N VAL A 227 6.12 4.86 -0.25
CA VAL A 227 6.22 5.59 -1.50
C VAL A 227 5.30 6.80 -1.46
N SER A 228 5.72 7.89 -2.11
CA SER A 228 4.87 9.07 -2.20
C SER A 228 3.60 8.73 -2.98
N PRO A 229 2.47 9.36 -2.64
CA PRO A 229 1.24 9.09 -3.38
C PRO A 229 1.25 9.66 -4.79
N GLU A 230 1.89 10.81 -4.99
CA GLU A 230 2.03 11.35 -6.34
C GLU A 230 2.87 10.44 -7.21
N GLN A 231 3.78 9.66 -6.60
CA GLN A 231 4.65 8.76 -7.32
C GLN A 231 3.90 7.64 -8.01
N LEU A 232 2.70 7.31 -7.54
CA LEU A 232 1.95 6.16 -8.02
C LEU A 232 0.95 6.56 -9.10
N HIS A 233 0.85 5.72 -10.13
CA HIS A 233 -0.14 5.87 -11.20
C HIS A 233 -0.80 4.51 -11.39
N VAL A 234 -2.09 4.42 -11.05
CA VAL A 234 -2.81 3.16 -11.11
C VAL A 234 -3.27 2.92 -12.54
N VAL A 235 -2.70 1.89 -13.17
CA VAL A 235 -3.13 1.45 -14.50
C VAL A 235 -3.38 -0.05 -14.41
N PRO A 236 -4.61 -0.53 -14.58
CA PRO A 236 -4.90 -1.95 -14.37
C PRO A 236 -4.36 -2.85 -15.48
N LEU A 237 -4.76 -4.11 -15.47
CA LEU A 237 -4.46 -5.03 -16.55
C LEU A 237 -5.69 -5.18 -17.44
N GLY A 238 -5.45 -5.49 -18.71
CA GLY A 238 -6.50 -5.51 -19.72
C GLY A 238 -6.84 -6.90 -20.21
N VAL A 239 -7.72 -6.93 -21.21
CA VAL A 239 -8.16 -8.15 -21.85
C VAL A 239 -8.39 -7.85 -23.32
N ASP A 240 -8.20 -8.87 -24.17
CA ASP A 240 -8.50 -8.74 -25.59
C ASP A 240 -10.01 -8.75 -25.76
N THR A 241 -10.60 -7.55 -25.88
CA THR A 241 -12.04 -7.43 -26.08
C THR A 241 -12.49 -7.98 -27.44
N LYS A 242 -11.56 -8.22 -28.36
CA LYS A 242 -11.91 -8.86 -29.63
C LYS A 242 -12.03 -10.37 -29.47
N LEU A 243 -11.09 -10.98 -28.73
CA LEU A 243 -11.13 -12.42 -28.52
C LEU A 243 -12.12 -12.82 -27.43
N PHE A 244 -12.18 -12.04 -26.35
CA PHE A 244 -13.07 -12.31 -25.23
C PHE A 244 -14.33 -11.46 -25.43
N GLN A 245 -15.41 -12.11 -25.87
CA GLN A 245 -16.65 -11.44 -26.17
C GLN A 245 -17.77 -12.47 -26.19
N PRO A 246 -19.01 -12.06 -25.95
CA PRO A 246 -20.13 -13.01 -25.99
C PRO A 246 -20.23 -13.69 -27.35
N ARG A 247 -20.69 -14.96 -27.32
CA ARG A 247 -20.79 -15.77 -28.53
C ARG A 247 -22.19 -16.33 -28.73
N GLU A 248 -23.19 -15.74 -28.08
CA GLU A 248 -24.61 -16.00 -28.30
C GLU A 248 -25.03 -17.44 -27.97
N GLY A 249 -24.23 -18.16 -27.20
CA GLY A 249 -24.59 -19.51 -26.83
C GLY A 249 -24.09 -19.89 -25.45
N ARG A 250 -25.00 -20.04 -24.49
CA ARG A 250 -24.65 -20.29 -23.10
C ARG A 250 -25.38 -21.52 -22.59
N VAL A 251 -24.62 -22.49 -22.09
CA VAL A 251 -25.20 -23.72 -21.56
C VAL A 251 -25.97 -23.41 -20.28
N ARG A 252 -27.16 -23.98 -20.17
CA ARG A 252 -28.03 -23.71 -19.03
C ARG A 252 -27.45 -24.30 -17.76
N ASN A 253 -27.37 -23.48 -16.71
CA ASN A 253 -26.87 -23.91 -15.40
C ASN A 253 -25.43 -24.42 -15.48
N ARG A 254 -24.57 -23.60 -16.10
CA ARG A 254 -23.14 -23.90 -16.17
C ARG A 254 -22.36 -22.79 -15.48
N ILE A 255 -21.55 -23.16 -14.51
CA ILE A 255 -20.67 -22.25 -13.80
C ILE A 255 -19.25 -22.51 -14.27
N ILE A 256 -18.39 -21.48 -14.17
CA ILE A 256 -16.99 -21.60 -14.52
C ILE A 256 -16.16 -20.90 -13.45
N ALA A 257 -15.01 -21.49 -13.12
CA ALA A 257 -14.07 -20.90 -12.18
C ALA A 257 -12.66 -21.20 -12.65
N ILE A 258 -11.80 -20.19 -12.63
CA ILE A 258 -10.45 -20.27 -13.17
C ILE A 258 -9.46 -20.13 -12.02
N ALA A 259 -8.59 -21.13 -11.87
CA ALA A 259 -7.55 -21.09 -10.84
C ALA A 259 -6.28 -21.77 -11.33
N LEU A 265 -6.25 -17.56 0.25
CA LEU A 265 -5.86 -18.60 -0.70
C LEU A 265 -6.90 -18.74 -1.80
N LYS A 266 -7.03 -19.96 -2.34
CA LYS A 266 -8.02 -20.27 -3.36
C LYS A 266 -9.22 -20.93 -2.69
N GLY A 267 -10.33 -20.18 -2.61
CA GLY A 267 -11.53 -20.69 -1.98
C GLY A 267 -12.35 -21.60 -2.87
N VAL A 268 -11.67 -22.44 -3.65
CA VAL A 268 -12.37 -23.36 -4.54
C VAL A 268 -13.18 -24.38 -3.74
N SER A 269 -12.73 -24.72 -2.53
CA SER A 269 -13.47 -25.67 -1.71
C SER A 269 -14.87 -25.16 -1.37
N HIS A 270 -15.00 -23.85 -1.12
CA HIS A 270 -16.31 -23.29 -0.82
C HIS A 270 -17.23 -23.37 -2.02
N LEU A 271 -16.69 -23.19 -3.23
CA LEU A 271 -17.50 -23.33 -4.43
C LEU A 271 -17.88 -24.78 -4.68
N LEU A 272 -17.02 -25.72 -4.30
CA LEU A 272 -17.32 -27.14 -4.53
C LEU A 272 -18.51 -27.59 -3.69
N HIS A 273 -18.63 -27.08 -2.46
CA HIS A 273 -19.82 -27.38 -1.67
C HIS A 273 -21.05 -26.68 -2.24
N ALA A 274 -20.86 -25.54 -2.90
CA ALA A 274 -21.99 -24.86 -3.54
C ALA A 274 -22.57 -25.71 -4.66
N VAL A 275 -21.73 -26.14 -5.60
CA VAL A 275 -22.22 -26.94 -6.72
C VAL A 275 -22.71 -28.29 -6.23
N ALA A 276 -22.19 -28.79 -5.10
CA ALA A 276 -22.69 -30.04 -4.56
C ALA A 276 -24.10 -29.89 -4.01
N ARG A 277 -24.37 -28.77 -3.34
CA ARG A 277 -25.71 -28.53 -2.81
C ARG A 277 -26.69 -28.10 -3.90
N LEU A 278 -26.22 -27.40 -4.93
CA LEU A 278 -27.09 -26.93 -6.00
C LEU A 278 -27.57 -28.06 -6.92
N ARG A 279 -26.94 -29.23 -6.86
CA ARG A 279 -27.27 -30.29 -7.81
C ARG A 279 -28.69 -30.82 -7.61
N VAL A 280 -29.19 -30.84 -6.37
CA VAL A 280 -30.51 -31.41 -6.10
C VAL A 280 -31.60 -30.59 -6.77
N GLU A 281 -31.44 -29.27 -6.81
CA GLU A 281 -32.47 -28.39 -7.37
C GLU A 281 -32.24 -28.04 -8.83
N ARG A 282 -31.00 -28.02 -9.29
CA ARG A 282 -30.67 -27.56 -10.63
C ARG A 282 -29.72 -28.54 -11.30
N ASP A 283 -29.70 -28.50 -12.63
CA ASP A 283 -28.72 -29.26 -13.41
C ASP A 283 -27.42 -28.45 -13.52
N VAL A 284 -26.84 -28.16 -12.36
CA VAL A 284 -25.65 -27.31 -12.32
C VAL A 284 -24.44 -28.08 -12.85
N GLU A 285 -23.54 -27.35 -13.48
CA GLU A 285 -22.30 -27.90 -14.02
C GLU A 285 -21.18 -26.90 -13.79
N LEU A 286 -20.02 -27.40 -13.36
CA LEU A 286 -18.86 -26.56 -13.09
C LEU A 286 -17.74 -26.90 -14.07
N GLN A 287 -17.24 -25.88 -14.77
CA GLN A 287 -16.09 -26.00 -15.65
C GLN A 287 -14.92 -25.33 -14.93
N LEU A 288 -14.10 -26.14 -14.26
CA LEU A 288 -13.00 -25.66 -13.45
C LEU A 288 -11.72 -25.66 -14.27
N VAL A 289 -11.06 -24.52 -14.35
CA VAL A 289 -9.85 -24.34 -15.15
C VAL A 289 -8.67 -24.24 -14.18
N THR A 290 -7.99 -25.35 -13.96
CA THR A 290 -6.81 -25.39 -13.09
C THR A 290 -6.10 -26.71 -13.31
N LYS A 291 -4.84 -26.75 -12.90
CA LYS A 291 -4.04 -27.97 -12.97
C LYS A 291 -4.03 -28.65 -11.61
N LEU A 292 -4.36 -29.93 -11.58
CA LEU A 292 -4.41 -30.69 -10.33
C LEU A 292 -3.50 -31.92 -10.40
N GLY A 296 -3.86 -38.94 -4.26
CA GLY A 296 -4.60 -37.88 -4.91
C GLY A 296 -4.30 -36.50 -4.36
N PRO A 297 -4.63 -35.46 -5.11
CA PRO A 297 -4.38 -34.09 -4.64
C PRO A 297 -5.36 -33.65 -3.55
N THR A 298 -5.29 -32.38 -3.16
CA THR A 298 -6.18 -31.87 -2.12
C THR A 298 -7.63 -31.83 -2.59
N GLU A 299 -7.86 -31.64 -3.89
CA GLU A 299 -9.21 -31.55 -4.41
C GLU A 299 -9.84 -32.94 -4.55
N LYS A 300 -9.70 -33.77 -3.53
CA LYS A 300 -10.46 -35.01 -3.42
C LYS A 300 -11.89 -34.77 -2.96
N LEU A 301 -12.26 -33.52 -2.70
CA LEU A 301 -13.65 -33.18 -2.42
C LEU A 301 -14.57 -33.58 -3.57
N ILE A 302 -14.05 -33.55 -4.80
CA ILE A 302 -14.84 -33.99 -5.94
C ILE A 302 -15.29 -35.44 -5.75
N ALA A 303 -14.41 -36.27 -5.16
CA ALA A 303 -14.78 -37.66 -4.94
C ALA A 303 -15.75 -37.80 -3.77
N GLU A 304 -15.49 -37.07 -2.68
CA GLU A 304 -16.32 -37.24 -1.48
C GLU A 304 -17.75 -36.78 -1.71
N LEU A 305 -17.92 -35.66 -2.43
CA LEU A 305 -19.25 -35.13 -2.69
C LEU A 305 -19.96 -35.82 -3.84
N GLY A 306 -19.31 -36.78 -4.51
CA GLY A 306 -19.93 -37.43 -5.65
C GLY A 306 -20.15 -36.52 -6.84
N ILE A 307 -19.48 -35.37 -6.87
CA ILE A 307 -19.64 -34.42 -7.95
C ILE A 307 -18.64 -34.66 -9.08
N SER A 308 -18.06 -35.85 -9.16
CA SER A 308 -17.12 -36.14 -10.24
C SER A 308 -17.78 -36.13 -11.60
N ASP A 309 -19.11 -36.23 -11.65
CA ASP A 309 -19.85 -36.23 -12.90
C ASP A 309 -20.18 -34.82 -13.39
N ILE A 310 -20.52 -33.91 -12.47
CA ILE A 310 -20.89 -32.55 -12.86
C ILE A 310 -19.71 -31.59 -12.88
N VAL A 311 -18.55 -32.01 -12.37
CA VAL A 311 -17.35 -31.16 -12.34
C VAL A 311 -16.40 -31.66 -13.43
N HIS A 312 -16.01 -30.76 -14.33
CA HIS A 312 -15.14 -31.08 -15.45
C HIS A 312 -13.92 -30.17 -15.38
N THR A 313 -12.73 -30.76 -15.29
CA THR A 313 -11.49 -30.02 -15.13
C THR A 313 -10.77 -29.88 -16.46
N SER A 314 -10.33 -28.67 -16.76
CA SER A 314 -9.50 -28.38 -17.92
C SER A 314 -8.25 -27.64 -17.45
N SER A 315 -7.18 -27.77 -18.22
CA SER A 315 -5.91 -27.16 -17.85
C SER A 315 -5.09 -26.88 -19.10
N GLY A 316 -4.22 -25.89 -19.00
CA GLY A 316 -3.35 -25.54 -20.12
C GLY A 316 -4.10 -25.08 -21.35
N LEU A 317 -5.20 -24.35 -21.16
CA LEU A 317 -6.00 -23.88 -22.28
C LEU A 317 -5.40 -22.61 -22.88
N SER A 318 -5.44 -22.52 -24.20
CA SER A 318 -5.05 -21.29 -24.86
C SER A 318 -6.08 -20.21 -24.61
N ASP A 319 -5.72 -18.97 -24.94
CA ASP A 319 -6.65 -17.86 -24.72
C ASP A 319 -7.90 -18.02 -25.57
N GLU A 320 -7.80 -18.69 -26.72
CA GLU A 320 -8.98 -18.92 -27.56
C GLU A 320 -9.88 -19.99 -26.94
N GLU A 321 -9.28 -21.09 -26.49
CA GLU A 321 -10.06 -22.17 -25.87
C GLU A 321 -10.76 -21.68 -24.60
N LEU A 322 -10.05 -20.86 -23.80
CA LEU A 322 -10.66 -20.32 -22.59
C LEU A 322 -11.82 -19.39 -22.92
N ALA A 323 -11.67 -18.57 -23.96
CA ALA A 323 -12.71 -17.60 -24.30
C ALA A 323 -13.99 -18.28 -24.72
N ALA A 324 -13.90 -19.40 -25.46
CA ALA A 324 -15.09 -20.14 -25.85
C ALA A 324 -15.77 -20.75 -24.62
N LEU A 325 -14.98 -21.37 -23.74
CA LEU A 325 -15.54 -21.95 -22.52
C LEU A 325 -16.10 -20.87 -21.60
N LEU A 326 -15.38 -19.76 -21.46
CA LEU A 326 -15.81 -18.70 -20.56
C LEU A 326 -17.06 -17.99 -21.08
N ALA A 327 -17.28 -18.02 -22.40
CA ALA A 327 -18.49 -17.46 -22.98
C ALA A 327 -19.63 -18.48 -23.06
N SER A 328 -19.33 -19.76 -22.90
CA SER A 328 -20.36 -20.79 -22.90
C SER A 328 -21.05 -20.94 -21.56
N ALA A 329 -20.45 -20.41 -20.49
CA ALA A 329 -21.00 -20.54 -19.15
C ALA A 329 -21.96 -19.40 -18.84
N GLU A 330 -22.92 -19.67 -17.95
CA GLU A 330 -23.89 -18.67 -17.55
C GLU A 330 -23.42 -17.80 -16.41
N VAL A 331 -22.43 -18.24 -15.63
CA VAL A 331 -21.91 -17.43 -14.53
C VAL A 331 -20.47 -17.85 -14.26
N ALA A 332 -19.64 -16.88 -13.90
CA ALA A 332 -18.28 -17.13 -13.47
C ALA A 332 -18.17 -16.83 -11.98
N CYS A 333 -17.50 -17.71 -11.25
CA CYS A 333 -17.32 -17.57 -9.82
C CYS A 333 -15.86 -17.29 -9.52
N ILE A 334 -15.61 -16.22 -8.76
CA ILE A 334 -14.26 -15.84 -8.35
C ILE A 334 -14.20 -15.89 -6.84
N PRO A 335 -13.93 -17.05 -6.23
CA PRO A 335 -13.93 -17.13 -4.77
C PRO A 335 -12.58 -16.80 -4.17
N SER A 336 -12.37 -15.52 -3.82
CA SER A 336 -11.12 -15.03 -3.25
C SER A 336 -9.93 -15.36 -4.15
N LEU A 337 -10.16 -15.42 -5.46
CA LEU A 337 -9.10 -15.68 -6.44
C LEU A 337 -8.39 -14.35 -6.74
N TYR A 338 -7.63 -13.91 -5.76
CA TYR A 338 -6.98 -12.60 -5.76
C TYR A 338 -5.47 -12.81 -5.69
N GLU A 339 -4.81 -12.74 -6.84
CA GLU A 339 -3.35 -12.75 -6.93
C GLU A 339 -2.80 -11.34 -7.11
N GLY A 340 -3.41 -10.37 -6.44
CA GLY A 340 -3.14 -8.96 -6.65
C GLY A 340 -4.03 -8.32 -7.69
N PHE A 341 -4.44 -9.07 -8.71
CA PHE A 341 -5.36 -8.62 -9.73
C PHE A 341 -6.05 -9.83 -10.33
N SER A 342 -7.34 -9.69 -10.60
CA SER A 342 -8.16 -10.81 -11.06
C SER A 342 -8.33 -10.72 -12.57
N LEU A 343 -7.38 -11.31 -13.30
CA LEU A 343 -7.54 -11.45 -14.74
C LEU A 343 -8.78 -12.26 -15.13
N PRO A 344 -9.15 -13.35 -14.44
CA PRO A 344 -10.40 -14.02 -14.81
C PRO A 344 -11.63 -13.14 -14.71
N ALA A 345 -11.70 -12.27 -13.69
CA ALA A 345 -12.83 -11.37 -13.57
C ALA A 345 -12.93 -10.45 -14.78
N VAL A 346 -11.80 -9.90 -15.22
CA VAL A 346 -11.79 -9.07 -16.42
C VAL A 346 -12.14 -9.90 -17.65
N GLU A 347 -11.61 -11.12 -17.74
CA GLU A 347 -11.92 -11.97 -18.88
C GLU A 347 -13.36 -12.45 -18.85
N ALA A 348 -13.96 -12.57 -17.66
CA ALA A 348 -15.37 -12.92 -17.58
C ALA A 348 -16.25 -11.74 -17.98
N MET A 349 -15.92 -10.53 -17.51
CA MET A 349 -16.65 -9.35 -17.90
C MET A 349 -16.60 -9.14 -19.41
N ALA A 350 -15.41 -9.34 -20.01
CA ALA A 350 -15.28 -9.17 -21.45
C ALA A 350 -16.12 -10.17 -22.22
N SER A 351 -16.34 -11.36 -21.65
CA SER A 351 -17.14 -12.38 -22.31
C SER A 351 -18.63 -12.15 -22.12
N GLY A 352 -19.04 -11.11 -21.39
CA GLY A 352 -20.44 -10.92 -21.09
C GLY A 352 -21.00 -11.92 -20.10
N THR A 353 -20.13 -12.58 -19.33
CA THR A 353 -20.55 -13.58 -18.36
C THR A 353 -20.70 -12.92 -17.00
N PRO A 354 -21.88 -12.92 -16.39
CA PRO A 354 -22.01 -12.35 -15.06
C PRO A 354 -21.16 -13.10 -14.05
N ILE A 355 -20.74 -12.38 -13.01
CA ILE A 355 -19.77 -12.90 -12.06
C ILE A 355 -20.42 -12.99 -10.68
N VAL A 356 -19.99 -13.99 -9.91
CA VAL A 356 -20.24 -14.06 -8.47
C VAL A 356 -18.87 -14.12 -7.80
N ALA A 357 -18.49 -13.05 -7.13
CA ALA A 357 -17.16 -12.91 -6.58
C ALA A 357 -17.23 -12.60 -5.08
N SER A 358 -16.11 -12.79 -4.41
CA SER A 358 -16.00 -12.49 -2.99
C SER A 358 -15.47 -11.08 -2.78
N ARG A 359 -15.88 -10.47 -1.67
CA ARG A 359 -15.38 -9.16 -1.27
C ARG A 359 -13.97 -9.32 -0.72
N ALA A 360 -13.02 -9.49 -1.63
CA ALA A 360 -11.63 -9.78 -1.27
C ALA A 360 -10.70 -8.88 -2.07
N GLY A 361 -10.28 -7.76 -1.47
CA GLY A 361 -9.30 -6.90 -2.08
C GLY A 361 -9.77 -6.12 -3.29
N ALA A 362 -9.15 -6.38 -4.43
CA ALA A 362 -9.40 -5.64 -5.66
C ALA A 362 -10.58 -6.17 -6.46
N LEU A 363 -11.23 -7.25 -6.01
CA LEU A 363 -12.40 -7.75 -6.73
C LEU A 363 -13.53 -6.74 -6.76
N PRO A 364 -13.92 -6.07 -5.66
CA PRO A 364 -14.97 -5.04 -5.77
C PRO A 364 -14.54 -3.83 -6.59
N GLU A 365 -13.24 -3.64 -6.84
CA GLU A 365 -12.77 -2.54 -7.67
C GLU A 365 -12.77 -2.91 -9.15
N VAL A 366 -12.17 -4.04 -9.49
CA VAL A 366 -12.15 -4.55 -10.86
C VAL A 366 -13.57 -4.77 -11.34
N VAL A 367 -14.25 -5.73 -10.72
CA VAL A 367 -15.68 -5.89 -10.93
C VAL A 367 -16.39 -4.60 -10.52
N GLY A 368 -17.41 -4.22 -11.29
CA GLY A 368 -18.17 -3.03 -10.98
C GLY A 368 -18.85 -3.09 -9.63
N PRO A 369 -19.56 -2.03 -9.26
CA PRO A 369 -20.30 -2.03 -7.99
C PRO A 369 -21.27 -3.21 -7.91
N ASP A 370 -21.64 -3.55 -6.69
CA ASP A 370 -22.54 -4.67 -6.46
C ASP A 370 -23.89 -4.41 -7.13
N GLY A 371 -24.27 -5.28 -8.05
CA GLY A 371 -25.49 -5.12 -8.80
C GLY A 371 -25.33 -4.52 -10.18
N GLU A 372 -24.10 -4.38 -10.67
CA GLU A 372 -23.84 -3.88 -12.01
C GLU A 372 -23.23 -4.98 -12.87
N CYS A 373 -22.01 -5.41 -12.58
CA CYS A 373 -21.38 -6.50 -13.32
C CYS A 373 -21.42 -7.82 -12.57
N ALA A 374 -21.60 -7.80 -11.25
CA ALA A 374 -21.52 -9.02 -10.46
C ALA A 374 -22.23 -8.81 -9.13
N ARG A 375 -22.42 -9.92 -8.42
CA ARG A 375 -22.89 -9.92 -7.05
C ARG A 375 -21.72 -10.30 -6.14
N LEU A 376 -21.49 -9.51 -5.11
CA LEU A 376 -20.40 -9.72 -4.18
C LEU A 376 -20.90 -10.49 -2.95
N VAL A 377 -20.14 -11.51 -2.55
CA VAL A 377 -20.51 -12.37 -1.43
C VAL A 377 -19.37 -12.35 -0.41
N THR A 378 -19.68 -12.83 0.79
CA THR A 378 -18.64 -13.00 1.81
C THR A 378 -17.84 -14.26 1.52
N PRO A 379 -16.50 -14.19 1.63
CA PRO A 379 -15.64 -15.29 1.15
C PRO A 379 -15.94 -16.64 1.76
N ALA A 380 -15.71 -16.79 3.07
CA ALA A 380 -15.82 -18.10 3.71
C ALA A 380 -17.25 -18.63 3.76
N ASP A 381 -18.24 -17.79 3.52
CA ASP A 381 -19.65 -18.20 3.67
C ASP A 381 -20.03 -19.10 2.50
N VAL A 382 -20.14 -20.41 2.77
CA VAL A 382 -20.56 -21.35 1.75
C VAL A 382 -22.03 -21.16 1.41
N ASP A 383 -22.87 -20.95 2.43
CA ASP A 383 -24.31 -20.85 2.19
C ASP A 383 -24.68 -19.56 1.47
N GLU A 384 -24.00 -18.45 1.78
CA GLU A 384 -24.27 -17.22 1.05
C GLU A 384 -23.90 -17.37 -0.43
N LEU A 385 -22.73 -17.96 -0.71
CA LEU A 385 -22.35 -18.24 -2.09
C LEU A 385 -23.38 -19.14 -2.77
N THR A 386 -23.95 -20.09 -2.02
CA THR A 386 -24.93 -21.01 -2.61
C THR A 386 -26.25 -20.31 -2.89
N ALA A 387 -26.66 -19.38 -2.02
CA ALA A 387 -27.92 -18.70 -2.21
C ALA A 387 -27.84 -17.68 -3.34
N VAL A 388 -26.75 -16.93 -3.42
CA VAL A 388 -26.62 -15.90 -4.45
C VAL A 388 -26.47 -16.53 -5.82
N LEU A 389 -25.74 -17.64 -5.91
CA LEU A 389 -25.59 -18.33 -7.19
C LEU A 389 -26.93 -18.85 -7.69
N GLY A 390 -27.66 -19.58 -6.85
CA GLY A 390 -28.93 -20.13 -7.27
C GLY A 390 -29.95 -19.06 -7.60
N ARG A 391 -29.99 -17.99 -6.80
CA ARG A 391 -30.91 -16.89 -7.08
C ARG A 391 -30.52 -16.18 -8.38
N LEU A 392 -29.22 -16.04 -8.64
CA LEU A 392 -28.79 -15.49 -9.91
C LEU A 392 -29.03 -16.47 -11.05
N LEU A 393 -28.84 -17.77 -10.80
CA LEU A 393 -29.07 -18.76 -11.84
C LEU A 393 -30.55 -18.97 -12.12
N ASP A 394 -31.41 -18.68 -11.15
CA ASP A 394 -32.85 -18.78 -11.37
C ASP A 394 -33.43 -17.53 -12.02
N SER A 395 -32.62 -16.47 -12.19
CA SER A 395 -33.10 -15.23 -12.78
C SER A 395 -32.56 -15.11 -14.19
N PRO A 396 -33.40 -15.15 -15.23
CA PRO A 396 -32.88 -15.02 -16.59
C PRO A 396 -32.65 -13.58 -17.01
N ARG A 397 -33.42 -12.66 -16.41
CA ARG A 397 -33.25 -11.24 -16.73
C ARG A 397 -32.02 -10.66 -16.04
N GLU A 398 -31.60 -11.21 -14.90
CA GLU A 398 -30.42 -10.72 -14.22
C GLU A 398 -29.14 -11.22 -14.85
N LEU A 399 -29.15 -12.46 -15.37
CA LEU A 399 -27.97 -12.96 -16.08
C LEU A 399 -27.66 -12.12 -17.31
N ARG A 400 -28.69 -11.54 -17.94
CA ARG A 400 -28.47 -10.69 -19.11
C ARG A 400 -28.03 -9.29 -18.71
N ARG A 401 -28.67 -8.70 -17.70
CA ARG A 401 -28.33 -7.34 -17.29
C ARG A 401 -26.89 -7.26 -16.79
N LEU A 402 -26.50 -8.19 -15.92
CA LEU A 402 -25.13 -8.19 -15.41
C LEU A 402 -24.13 -8.51 -16.50
N GLY A 403 -24.51 -9.34 -17.48
CA GLY A 403 -23.59 -9.67 -18.56
C GLY A 403 -23.39 -8.52 -19.53
N ASP A 404 -24.47 -7.82 -19.87
CA ASP A 404 -24.34 -6.65 -20.73
C ASP A 404 -23.51 -5.56 -20.05
N ASN A 405 -23.71 -5.36 -18.74
CA ASN A 405 -22.93 -4.36 -18.03
C ASN A 405 -21.47 -4.79 -17.87
N GLY A 406 -21.21 -6.09 -17.82
CA GLY A 406 -19.84 -6.57 -17.73
C GLY A 406 -19.07 -6.40 -19.02
N ARG A 407 -19.75 -6.52 -20.17
CA ARG A 407 -19.08 -6.29 -21.45
C ARG A 407 -18.76 -4.82 -21.65
N ARG A 408 -19.72 -3.93 -21.32
CA ARG A 408 -19.47 -2.50 -21.42
C ARG A 408 -18.27 -2.08 -20.57
N ARG A 409 -18.26 -2.49 -19.30
CA ARG A 409 -17.18 -2.09 -18.41
C ARG A 409 -15.84 -2.63 -18.88
N ALA A 410 -15.81 -3.88 -19.36
CA ALA A 410 -14.57 -4.44 -19.88
C ALA A 410 -14.06 -3.63 -21.06
N VAL A 411 -14.95 -3.32 -22.00
CA VAL A 411 -14.59 -2.48 -23.14
C VAL A 411 -14.22 -1.07 -22.68
N GLU A 412 -14.96 -0.52 -21.72
CA GLU A 412 -14.74 0.86 -21.30
C GLU A 412 -13.49 1.02 -20.45
N VAL A 413 -13.18 0.02 -19.61
CA VAL A 413 -12.18 0.17 -18.57
C VAL A 413 -10.96 -0.72 -18.82
N PHE A 414 -11.18 -1.98 -19.18
CA PHE A 414 -10.13 -3.00 -19.11
C PHE A 414 -9.72 -3.53 -20.49
N SER A 415 -9.61 -2.65 -21.48
CA SER A 415 -9.10 -3.05 -22.79
C SER A 415 -7.59 -2.86 -22.83
N TRP A 416 -6.88 -3.86 -23.37
CA TRP A 416 -5.42 -3.79 -23.40
C TRP A 416 -4.92 -2.54 -24.12
N GLN A 417 -5.64 -2.10 -25.16
CA GLN A 417 -5.27 -0.88 -25.86
C GLN A 417 -5.29 0.30 -24.91
N SER A 418 -6.35 0.43 -24.10
CA SER A 418 -6.42 1.50 -23.12
C SER A 418 -5.32 1.35 -22.07
N VAL A 419 -5.04 0.12 -21.64
CA VAL A 419 -3.92 -0.12 -20.73
C VAL A 419 -2.61 0.33 -21.36
N ALA A 420 -2.40 -0.01 -22.63
CA ALA A 420 -1.18 0.42 -23.31
C ALA A 420 -1.16 1.93 -23.49
N ALA A 421 -2.31 2.54 -23.77
CA ALA A 421 -2.37 3.99 -23.92
C ALA A 421 -2.06 4.69 -22.60
N GLN A 422 -2.62 4.19 -21.49
CA GLN A 422 -2.34 4.79 -20.19
C GLN A 422 -0.88 4.59 -19.80
N THR A 423 -0.26 3.50 -20.25
CA THR A 423 1.15 3.28 -19.96
C THR A 423 2.03 4.28 -20.70
N VAL A 424 1.66 4.61 -21.95
CA VAL A 424 2.42 5.61 -22.71
C VAL A 424 2.37 6.96 -22.01
N ALA A 425 1.22 7.28 -21.40
CA ALA A 425 1.10 8.53 -20.64
C ALA A 425 2.10 8.57 -19.49
N VAL A 426 2.22 7.45 -18.76
CA VAL A 426 3.19 7.39 -17.67
C VAL A 426 4.61 7.46 -18.21
N TYR A 427 4.86 6.86 -19.37
CA TYR A 427 6.15 6.99 -20.03
C TYR A 427 6.49 8.46 -20.27
N GLU A 428 5.54 9.22 -20.78
CA GLU A 428 5.80 10.62 -21.13
C GLU A 428 6.08 11.47 -19.90
N LYS A 429 5.52 11.09 -18.75
CA LYS A 429 5.80 11.84 -17.52
C LYS A 429 7.25 11.67 -17.10
N ALA A 430 7.81 10.47 -17.29
CA ALA A 430 9.23 10.25 -16.99
C ALA A 430 10.12 10.91 -18.02
N ILE A 431 9.64 11.05 -19.27
CA ILE A 431 10.43 11.73 -20.29
C ILE A 431 10.45 13.23 -20.02
N ALA A 432 9.34 13.78 -19.53
CA ALA A 432 9.25 15.22 -19.31
C ALA A 432 10.19 15.69 -18.20
N ARG A 433 10.52 14.82 -17.25
CA ARG A 433 11.41 15.19 -16.16
C ARG A 433 12.87 14.94 -16.48
N VAL A 434 13.20 14.50 -17.69
CA VAL A 434 14.59 14.28 -18.07
C VAL A 434 15.12 15.48 -18.84
N ALA B 26 2.05 35.95 -2.36
CA ALA B 26 0.97 36.69 -1.70
C ALA B 26 -0.38 36.07 -1.99
N MET B 27 -0.80 35.13 -1.14
CA MET B 27 -2.06 34.41 -1.31
C MET B 27 -2.94 34.62 -0.09
N ARG B 28 -4.21 34.89 -0.33
CA ARG B 28 -5.19 35.04 0.76
C ARG B 28 -5.79 33.67 1.04
N ILE B 29 -5.28 33.00 2.07
CA ILE B 29 -5.74 31.66 2.44
C ILE B 29 -6.96 31.78 3.34
N ALA B 30 -7.67 30.65 3.54
CA ALA B 30 -8.86 30.61 4.39
C ALA B 30 -8.94 29.20 4.98
N LEU B 31 -8.22 29.00 6.09
CA LEU B 31 -8.15 27.71 6.77
C LEU B 31 -9.40 27.53 7.62
N LEU B 32 -10.43 26.95 7.01
CA LEU B 32 -11.66 26.68 7.75
C LEU B 32 -11.45 25.50 8.71
N SER B 33 -12.12 25.57 9.85
CA SER B 33 -12.04 24.53 10.88
C SER B 33 -13.42 24.34 11.47
N TYR B 34 -14.05 23.20 11.18
CA TYR B 34 -15.40 22.96 11.68
C TYR B 34 -15.47 22.95 13.20
N ARG B 35 -14.38 22.53 13.86
CA ARG B 35 -14.36 22.48 15.32
C ARG B 35 -12.89 22.43 15.78
N SER B 36 -12.37 23.59 16.17
CA SER B 36 -11.05 23.64 16.78
C SER B 36 -11.16 23.38 18.28
N LYS B 37 -10.05 22.98 18.88
CA LYS B 37 -10.04 22.63 20.30
C LYS B 37 -8.67 22.97 20.87
N THR B 38 -8.34 22.35 22.00
CA THR B 38 -7.04 22.50 22.64
C THR B 38 -6.39 21.13 22.77
N HIS B 39 -5.09 21.07 22.46
CA HIS B 39 -4.34 19.81 22.40
C HIS B 39 -4.98 18.82 21.43
N CYS B 40 -5.65 19.34 20.40
CA CYS B 40 -6.29 18.52 19.38
C CYS B 40 -5.33 18.40 18.20
N GLY B 41 -4.83 17.19 17.96
CA GLY B 41 -3.83 16.99 16.94
C GLY B 41 -4.28 17.38 15.54
N GLY B 42 -5.58 17.29 15.27
CA GLY B 42 -6.12 17.66 13.99
C GLY B 42 -7.14 18.79 14.06
N GLY B 44 -7.49 23.33 16.90
CA GLY B 44 -6.64 22.48 17.72
C GLY B 44 -5.17 22.79 17.57
N VAL B 45 -4.33 21.79 17.84
CA VAL B 45 -2.89 21.94 17.64
C VAL B 45 -2.59 22.22 16.17
N TYR B 46 -3.28 21.51 15.27
CA TYR B 46 -3.08 21.72 13.85
C TYR B 46 -3.58 23.10 13.41
N VAL B 47 -4.78 23.49 13.87
CA VAL B 47 -5.38 24.74 13.41
C VAL B 47 -4.56 25.93 13.89
N ARG B 48 -4.04 25.87 15.12
CA ARG B 48 -3.32 27.01 15.68
C ARG B 48 -1.89 27.09 15.13
N HIS B 49 -1.17 25.97 15.12
CA HIS B 49 0.24 26.00 14.75
C HIS B 49 0.42 26.22 13.25
N LEU B 50 -0.37 25.51 12.43
CA LEU B 50 -0.22 25.64 10.99
C LEU B 50 -0.53 27.06 10.51
N SER B 51 -1.41 27.76 11.21
CA SER B 51 -1.72 29.15 10.87
C SER B 51 -0.66 30.12 11.37
N ARG B 52 0.27 29.67 12.21
CA ARG B 52 1.28 30.57 12.80
C ARG B 52 2.51 30.68 11.90
N GLU B 53 3.23 29.57 11.74
CA GLU B 53 4.46 29.59 10.96
C GLU B 53 4.20 29.83 9.47
N LEU B 54 2.99 29.54 8.99
CA LEU B 54 2.67 29.83 7.60
C LEU B 54 2.44 31.32 7.38
N ALA B 55 1.74 31.98 8.30
CA ALA B 55 1.54 33.42 8.21
C ALA B 55 2.82 34.20 8.40
N GLU B 56 3.88 33.57 8.90
CA GLU B 56 5.18 34.24 8.99
C GLU B 56 5.64 34.70 7.62
N LEU B 57 5.74 33.78 6.67
CA LEU B 57 5.86 34.16 5.28
C LEU B 57 4.58 34.86 4.84
N GLY B 58 4.73 35.73 3.84
CA GLY B 58 3.63 36.52 3.31
C GLY B 58 2.36 35.75 3.06
N HIS B 59 1.35 35.97 3.88
CA HIS B 59 0.08 35.27 3.77
C HIS B 59 -0.96 35.95 4.65
N ASP B 60 -2.24 35.75 4.29
CA ASP B 60 -3.38 36.27 5.06
C ASP B 60 -4.38 35.14 5.22
N VAL B 61 -4.44 34.56 6.42
CA VAL B 61 -5.29 33.41 6.69
C VAL B 61 -6.50 33.85 7.50
N GLU B 62 -7.61 33.14 7.32
CA GLU B 62 -8.85 33.41 8.04
C GLU B 62 -9.43 32.09 8.50
N VAL B 63 -9.55 31.91 9.82
CA VAL B 63 -10.06 30.69 10.43
C VAL B 63 -11.45 30.98 10.99
N PHE B 64 -12.39 30.08 10.70
CA PHE B 64 -13.76 30.20 11.19
C PHE B 64 -14.12 28.89 11.89
N SER B 65 -14.33 28.97 13.20
CA SER B 65 -14.65 27.80 14.00
C SER B 65 -15.86 28.04 14.90
N GLU B 71 -9.80 29.03 21.58
CA GLU B 71 -9.23 28.98 20.24
C GLU B 71 -8.32 30.17 19.99
N GLY B 72 -7.41 30.43 20.93
CA GLY B 72 -6.46 31.52 20.78
C GLY B 72 -5.54 31.35 19.60
N LEU B 73 -5.47 32.37 18.75
CA LEU B 73 -4.70 32.31 17.52
C LEU B 73 -3.69 33.46 17.47
N ASP B 74 -2.69 33.28 16.61
CA ASP B 74 -1.67 34.31 16.44
C ASP B 74 -2.25 35.49 15.64
N PRO B 75 -1.92 36.73 16.01
CA PRO B 75 -2.39 37.92 15.29
C PRO B 75 -1.87 37.99 13.86
N PHE B 119 -22.02 12.35 14.42
CA PHE B 119 -22.44 13.71 14.73
C PHE B 119 -22.75 14.49 13.47
N PRO B 120 -23.79 15.33 13.52
CA PRO B 120 -24.13 16.19 12.38
C PRO B 120 -23.36 17.50 12.32
N GLU B 121 -22.30 17.66 13.11
CA GLU B 121 -21.59 18.94 13.14
C GLU B 121 -20.87 19.26 11.84
N PRO B 122 -20.10 18.35 11.22
CA PRO B 122 -19.34 18.74 10.02
C PRO B 122 -20.21 19.23 8.87
N LYS B 123 -21.43 18.71 8.72
CA LYS B 123 -22.31 19.20 7.66
C LYS B 123 -22.86 20.58 7.98
N THR B 124 -23.02 20.91 9.27
CA THR B 124 -23.55 22.21 9.65
C THR B 124 -22.54 23.32 9.43
N PHE B 125 -21.25 23.04 9.61
CA PHE B 125 -20.24 24.06 9.44
C PHE B 125 -20.04 24.43 7.98
N SER B 126 -20.23 23.47 7.07
CA SER B 126 -20.01 23.74 5.65
C SER B 126 -21.11 24.61 5.06
N LEU B 127 -22.37 24.36 5.44
CA LEU B 127 -23.47 25.11 4.86
C LEU B 127 -23.49 26.57 5.31
N ARG B 128 -22.90 26.87 6.47
CA ARG B 128 -22.89 28.23 6.97
C ARG B 128 -21.96 29.14 6.17
N ALA B 129 -20.97 28.56 5.49
CA ALA B 129 -20.02 29.37 4.73
C ALA B 129 -20.68 29.94 3.49
N ALA B 130 -20.69 31.27 3.38
CA ALA B 130 -21.24 31.96 2.22
C ALA B 130 -20.20 32.70 1.39
N ARG B 131 -18.96 32.80 1.86
CA ARG B 131 -17.88 33.48 1.14
C ARG B 131 -18.23 34.91 0.77
N HIS B 144 -9.33 25.35 2.86
CA HIS B 144 -8.54 24.26 3.40
C HIS B 144 -9.29 23.55 4.52
N ASP B 145 -10.21 22.67 4.14
CA ASP B 145 -11.02 21.97 5.13
C ASP B 145 -10.16 20.99 5.92
N ASN B 146 -10.22 21.12 7.24
CA ASN B 146 -9.49 20.21 8.14
C ASN B 146 -10.42 19.04 8.45
N GLN B 147 -10.24 17.93 7.73
CA GLN B 147 -11.07 16.74 7.86
C GLN B 147 -12.54 17.06 7.63
N GLY B 160 -17.97 27.24 -6.43
CA GLY B 160 -16.89 27.13 -5.47
C GLY B 160 -15.62 27.84 -5.90
N PHE B 161 -14.63 27.86 -5.00
CA PHE B 161 -13.34 28.48 -5.26
C PHE B 161 -12.27 27.41 -5.26
N PRO B 162 -11.02 27.72 -5.68
CA PRO B 162 -9.93 26.75 -5.56
C PRO B 162 -9.81 26.19 -4.15
N LEU B 163 -10.16 24.92 -3.96
CA LEU B 163 -10.27 24.31 -2.65
C LEU B 163 -9.23 23.21 -2.49
N VAL B 164 -8.62 23.18 -1.30
CA VAL B 164 -7.70 22.10 -0.94
C VAL B 164 -8.21 21.41 0.32
N THR B 166 -7.60 18.59 3.80
CA THR B 166 -6.68 17.80 4.61
C THR B 166 -7.42 16.79 5.48
N VAL B 167 -7.13 15.51 5.27
CA VAL B 167 -7.75 14.42 6.03
C VAL B 167 -6.66 13.79 6.89
N HIS B 168 -6.82 13.89 8.21
CA HIS B 168 -5.84 13.31 9.13
C HIS B 168 -5.97 11.79 9.20
N HIS B 169 -7.19 11.30 9.41
CA HIS B 169 -7.45 9.87 9.47
C HIS B 169 -8.87 9.61 9.01
N PRO B 170 -9.14 8.43 8.43
CA PRO B 170 -10.52 8.08 8.08
C PRO B 170 -11.34 7.84 9.33
N ILE B 171 -12.51 8.47 9.41
CA ILE B 171 -13.35 8.39 10.60
C ILE B 171 -13.91 7.00 10.85
N THR B 172 -13.71 6.07 9.93
CA THR B 172 -14.20 4.70 10.11
C THR B 172 -13.45 4.04 11.27
N ARG B 173 -14.21 3.55 12.25
CA ARG B 173 -13.65 2.87 13.41
C ARG B 173 -14.38 1.55 13.60
N ASP B 174 -14.01 0.83 14.66
CA ASP B 174 -14.57 -0.48 14.94
C ASP B 174 -15.75 -0.37 15.89
N ARG B 175 -16.82 -1.09 15.56
CA ARG B 175 -18.02 -1.11 16.40
C ARG B 175 -17.98 -2.32 17.34
N GLU B 176 -16.96 -2.32 18.20
CA GLU B 176 -16.73 -3.40 19.17
C GLU B 176 -16.64 -4.76 18.49
N VAL B 203 -14.29 13.00 -0.50
CA VAL B 203 -15.42 13.84 -0.85
C VAL B 203 -14.89 15.18 -1.34
N ALA B 204 -13.77 15.61 -0.78
CA ALA B 204 -12.98 16.68 -1.37
C ALA B 204 -11.91 16.12 -2.32
N ARG B 205 -11.80 14.79 -2.41
CA ARG B 205 -11.11 14.15 -3.51
C ARG B 205 -11.90 14.27 -4.80
N GLN B 206 -13.22 14.35 -4.69
CA GLN B 206 -14.05 14.83 -5.79
C GLN B 206 -13.57 16.20 -6.25
N ILE B 207 -13.06 16.99 -5.32
CA ILE B 207 -12.40 18.26 -5.62
C ILE B 207 -10.94 17.94 -5.93
N PRO B 208 -10.17 18.86 -6.53
CA PRO B 208 -8.88 18.46 -7.12
C PRO B 208 -7.85 17.88 -6.15
N GLU B 209 -7.65 18.49 -4.97
CA GLU B 209 -6.47 18.20 -4.17
C GLU B 209 -6.81 17.82 -2.73
N LEU B 210 -6.04 16.87 -2.19
CA LEU B 210 -6.13 16.45 -0.80
C LEU B 210 -4.75 16.40 -0.18
N LEU B 211 -4.69 16.52 1.14
CA LEU B 211 -3.43 16.45 1.89
C LEU B 211 -3.58 15.49 3.05
N THR B 212 -2.61 14.59 3.21
CA THR B 212 -2.57 13.66 4.32
C THR B 212 -1.27 13.84 5.11
N VAL B 213 -1.32 13.46 6.39
CA VAL B 213 -0.17 13.66 7.26
C VAL B 213 0.93 12.63 7.00
N SER B 214 0.57 11.40 6.63
CA SER B 214 1.56 10.35 6.41
C SER B 214 1.14 9.49 5.22
N SER B 215 2.12 8.74 4.72
CA SER B 215 1.83 7.82 3.62
C SER B 215 0.93 6.68 4.07
N ALA B 216 1.04 6.26 5.33
CA ALA B 216 0.15 5.22 5.84
C ALA B 216 -1.29 5.71 5.93
N SER B 217 -1.47 6.97 6.33
CA SER B 217 -2.80 7.56 6.33
C SER B 217 -3.36 7.66 4.91
N ALA B 218 -2.51 8.04 3.96
CA ALA B 218 -2.93 8.10 2.57
C ALA B 218 -3.40 6.74 2.07
N SER B 219 -2.77 5.66 2.56
CA SER B 219 -3.20 4.32 2.20
C SER B 219 -4.61 4.05 2.71
N ASP B 220 -4.87 4.37 3.98
CA ASP B 220 -6.21 4.18 4.52
C ASP B 220 -7.21 5.11 3.86
N ILE B 221 -6.75 6.25 3.34
CA ILE B 221 -7.66 7.15 2.62
C ILE B 221 -8.09 6.53 1.30
N LEU B 222 -7.14 5.98 0.54
CA LEU B 222 -7.49 5.34 -0.73
C LEU B 222 -8.45 4.18 -0.51
N THR B 223 -8.22 3.37 0.52
CA THR B 223 -9.04 2.20 0.74
C THR B 223 -10.45 2.58 1.20
N ASP B 224 -10.56 3.60 2.06
CA ASP B 224 -11.84 3.96 2.66
C ASP B 224 -12.56 5.09 1.93
N PHE B 225 -11.84 6.04 1.36
CA PHE B 225 -12.46 7.17 0.67
C PHE B 225 -12.53 7.00 -0.84
N ALA B 226 -11.84 5.99 -1.40
CA ALA B 226 -11.80 5.73 -2.83
C ALA B 226 -11.32 6.98 -3.60
N VAL B 227 -10.03 7.25 -3.41
CA VAL B 227 -9.40 8.47 -3.91
C VAL B 227 -8.36 8.10 -4.96
N SER B 228 -8.02 9.07 -5.82
CA SER B 228 -6.91 8.91 -6.74
C SER B 228 -5.58 9.11 -6.01
N PRO B 229 -4.58 8.27 -6.28
CA PRO B 229 -3.28 8.46 -5.63
C PRO B 229 -2.58 9.74 -6.05
N GLU B 230 -2.74 10.17 -7.30
CA GLU B 230 -2.01 11.34 -7.78
C GLU B 230 -2.47 12.61 -7.08
N GLN B 231 -3.75 12.73 -6.78
CA GLN B 231 -4.29 13.91 -6.13
C GLN B 231 -3.99 13.97 -4.63
N LEU B 232 -3.37 12.93 -4.08
CA LEU B 232 -2.97 12.94 -2.68
C LEU B 232 -1.58 13.56 -2.53
N HIS B 233 -1.41 14.32 -1.45
CA HIS B 233 -0.14 14.98 -1.15
C HIS B 233 0.19 14.77 0.31
N VAL B 234 1.31 14.11 0.58
CA VAL B 234 1.72 13.78 1.94
C VAL B 234 2.59 14.91 2.47
N VAL B 235 2.06 15.67 3.41
CA VAL B 235 2.79 16.72 4.11
C VAL B 235 2.73 16.39 5.60
N PRO B 236 3.87 16.22 6.28
CA PRO B 236 3.83 15.86 7.70
C PRO B 236 3.47 17.07 8.55
N LEU B 237 3.27 16.81 9.85
CA LEU B 237 3.10 17.87 10.81
C LEU B 237 4.48 18.32 11.32
N GLY B 238 4.55 19.59 11.71
CA GLY B 238 5.80 20.20 12.12
C GLY B 238 5.98 20.25 13.63
N VAL B 239 7.10 20.85 14.03
CA VAL B 239 7.45 21.02 15.43
C VAL B 239 8.25 22.29 15.58
N ASP B 240 8.12 22.95 16.73
CA ASP B 240 8.87 24.16 17.03
C ASP B 240 10.30 23.76 17.39
N THR B 241 11.25 24.04 16.49
CA THR B 241 12.64 23.68 16.74
C THR B 241 13.29 24.51 17.82
N LYS B 242 12.65 25.60 18.27
CA LYS B 242 13.19 26.41 19.35
C LYS B 242 12.65 25.97 20.71
N LEU B 243 11.33 25.75 20.80
CA LEU B 243 10.75 25.29 22.06
C LEU B 243 11.24 23.91 22.42
N PHE B 244 11.16 22.97 21.48
CA PHE B 244 11.63 21.60 21.69
C PHE B 244 13.08 21.53 21.22
N GLN B 245 14.00 21.54 22.19
CA GLN B 245 15.43 21.64 21.93
C GLN B 245 16.19 20.98 23.07
N PRO B 246 17.27 20.25 22.77
CA PRO B 246 18.07 19.66 23.84
C PRO B 246 18.63 20.72 24.78
N ARG B 247 18.54 20.45 26.07
CA ARG B 247 18.97 21.38 27.10
C ARG B 247 20.37 21.02 27.59
N GLU B 248 20.72 21.44 28.81
CA GLU B 248 22.05 21.20 29.33
C GLU B 248 22.21 19.77 29.82
N GLY B 249 21.33 19.32 30.71
CA GLY B 249 21.41 17.99 31.28
C GLY B 249 20.07 17.26 31.19
N ARG B 250 20.08 16.02 31.69
CA ARG B 250 18.90 15.18 31.67
C ARG B 250 19.00 14.15 32.78
N VAL B 251 17.84 13.61 33.15
CA VAL B 251 17.72 12.68 34.27
C VAL B 251 18.03 11.26 33.79
N ARG B 252 18.87 10.56 34.53
CA ARG B 252 19.27 9.21 34.15
C ARG B 252 18.11 8.22 34.32
N ASN B 253 17.98 7.31 33.36
CA ASN B 253 17.02 6.20 33.38
C ASN B 253 15.56 6.67 33.42
N ARG B 254 15.25 7.85 32.91
CA ARG B 254 13.88 8.35 32.87
C ARG B 254 13.27 8.06 31.50
N ILE B 255 12.09 7.44 31.51
CA ILE B 255 11.33 7.15 30.29
C ILE B 255 10.10 8.06 30.27
N ILE B 256 9.80 8.60 29.10
CA ILE B 256 8.66 9.50 28.94
C ILE B 256 7.72 8.93 27.89
N ALA B 257 6.42 9.18 28.08
CA ALA B 257 5.39 8.77 27.13
C ALA B 257 4.32 9.84 27.09
N ILE B 258 4.13 10.44 25.92
CA ILE B 258 3.14 11.51 25.77
C ILE B 258 1.79 10.98 25.28
N ALA B 259 1.76 9.79 24.68
CA ALA B 259 0.50 9.23 24.21
C ALA B 259 -0.46 9.00 25.38
N SER B 260 -1.65 9.59 25.27
CA SER B 260 -2.63 9.54 26.35
C SER B 260 -3.47 8.27 26.23
N ALA B 261 -3.27 7.35 27.16
CA ALA B 261 -4.04 6.10 27.17
C ALA B 261 -5.47 6.36 27.62
N PRO B 264 -6.15 1.69 24.70
CA PRO B 264 -5.74 0.34 24.29
C PRO B 264 -4.86 0.34 23.04
N LEU B 265 -5.24 1.12 22.03
CA LEU B 265 -4.41 1.23 20.83
C LEU B 265 -3.03 1.76 21.18
N LYS B 266 -2.95 2.72 22.09
CA LYS B 266 -1.68 3.12 22.66
C LYS B 266 -1.17 2.00 23.56
N GLY B 267 0.02 1.48 23.27
CA GLY B 267 0.54 0.34 23.98
C GLY B 267 1.11 0.68 25.34
N VAL B 268 0.44 1.56 26.07
CA VAL B 268 0.91 1.96 27.40
C VAL B 268 1.03 0.74 28.30
N SER B 269 0.01 -0.12 28.28
CA SER B 269 0.03 -1.33 29.10
C SER B 269 1.25 -2.18 28.80
N HIS B 270 1.67 -2.22 27.53
CA HIS B 270 2.88 -2.96 27.17
C HIS B 270 4.11 -2.27 27.73
N LEU B 271 4.13 -0.94 27.73
CA LEU B 271 5.25 -0.21 28.34
C LEU B 271 5.25 -0.36 29.85
N LEU B 272 4.06 -0.40 30.46
CA LEU B 272 3.98 -0.56 31.91
C LEU B 272 4.55 -1.88 32.35
N HIS B 273 4.18 -2.97 31.68
CA HIS B 273 4.78 -4.27 31.97
C HIS B 273 6.29 -4.25 31.74
N ALA B 274 6.74 -3.48 30.74
CA ALA B 274 8.17 -3.40 30.47
C ALA B 274 8.90 -2.69 31.60
N VAL B 275 8.31 -1.63 32.15
CA VAL B 275 8.95 -0.90 33.25
C VAL B 275 9.08 -1.78 34.48
N ALA B 276 8.04 -2.59 34.77
CA ALA B 276 8.11 -3.50 35.90
C ALA B 276 9.24 -4.50 35.73
N ARG B 277 9.42 -5.02 34.52
CA ARG B 277 10.54 -5.92 34.25
C ARG B 277 11.87 -5.19 34.37
N LEU B 278 11.90 -3.91 33.98
CA LEU B 278 13.14 -3.13 34.03
C LEU B 278 13.48 -2.64 35.43
N ARG B 279 12.47 -2.53 36.31
CA ARG B 279 12.74 -1.99 37.64
C ARG B 279 13.50 -2.98 38.52
N VAL B 280 13.51 -4.26 38.18
CA VAL B 280 14.18 -5.26 39.01
C VAL B 280 15.68 -5.00 39.05
N GLU B 281 16.26 -4.64 37.90
CA GLU B 281 17.70 -4.43 37.82
C GLU B 281 18.11 -2.99 37.55
N ARG B 282 17.17 -2.11 37.23
CA ARG B 282 17.50 -0.72 36.90
C ARG B 282 16.55 0.23 37.62
N ASP B 283 17.05 1.43 37.90
CA ASP B 283 16.26 2.47 38.55
C ASP B 283 15.50 3.26 37.48
N VAL B 284 14.52 2.59 36.88
CA VAL B 284 13.75 3.19 35.79
C VAL B 284 12.60 4.01 36.37
N GLU B 285 12.24 5.06 35.64
CA GLU B 285 11.14 5.94 36.02
C GLU B 285 10.38 6.32 34.76
N LEU B 286 9.05 6.25 34.83
CA LEU B 286 8.19 6.57 33.70
C LEU B 286 7.47 7.88 33.96
N GLN B 287 7.71 8.88 33.10
CA GLN B 287 6.94 10.12 33.10
C GLN B 287 5.82 9.97 32.08
N LEU B 288 4.61 9.75 32.57
CA LEU B 288 3.46 9.46 31.72
C LEU B 288 2.62 10.72 31.56
N VAL B 289 2.66 11.33 30.38
CA VAL B 289 1.85 12.52 30.09
C VAL B 289 0.54 12.01 29.49
N THR B 290 -0.36 11.58 30.36
CA THR B 290 -1.62 10.99 29.94
C THR B 290 -2.72 11.38 30.92
N LYS B 291 -3.90 11.69 30.38
CA LYS B 291 -5.07 11.97 31.20
C LYS B 291 -5.70 10.64 31.62
N LEU B 292 -5.51 10.27 32.89
CA LEU B 292 -5.96 8.99 33.42
C LEU B 292 -7.32 9.12 34.09
N GLU B 293 -8.10 8.04 34.04
CA GLU B 293 -9.43 8.01 34.63
C GLU B 293 -9.37 7.36 36.01
N PRO B 294 -9.87 8.03 37.05
CA PRO B 294 -9.81 7.45 38.39
C PRO B 294 -10.67 6.21 38.51
N ASN B 295 -10.22 5.28 39.36
CA ASN B 295 -10.88 4.00 39.58
C ASN B 295 -11.14 3.28 38.25
N GLY B 296 -10.18 3.40 37.33
CA GLY B 296 -10.33 2.81 36.02
C GLY B 296 -9.08 2.10 35.57
N PRO B 297 -9.16 1.46 34.40
CA PRO B 297 -7.99 0.79 33.83
C PRO B 297 -6.85 1.78 33.59
N THR B 298 -5.64 1.23 33.56
CA THR B 298 -4.36 1.94 33.49
C THR B 298 -4.05 2.72 34.77
N GLU B 299 -4.97 2.76 35.72
CA GLU B 299 -4.64 3.06 37.11
C GLU B 299 -4.67 1.84 38.00
N LYS B 300 -5.46 0.83 37.64
CA LYS B 300 -5.41 -0.45 38.34
C LYS B 300 -4.18 -1.25 37.95
N LEU B 301 -3.81 -1.21 36.66
CA LEU B 301 -2.64 -1.97 36.21
C LEU B 301 -1.36 -1.43 36.84
N ILE B 302 -1.28 -0.12 37.05
CA ILE B 302 -0.11 0.45 37.73
C ILE B 302 -0.02 -0.09 39.15
N ALA B 303 -1.17 -0.25 39.83
CA ALA B 303 -1.17 -0.80 41.17
C ALA B 303 -0.89 -2.30 41.16
N GLU B 304 -1.48 -3.03 40.20
CA GLU B 304 -1.25 -4.47 40.12
C GLU B 304 0.22 -4.78 39.85
N LEU B 305 0.86 -3.99 38.99
CA LEU B 305 2.28 -4.18 38.73
C LEU B 305 3.17 -3.57 39.80
N GLY B 306 2.61 -2.76 40.69
CA GLY B 306 3.38 -2.18 41.78
C GLY B 306 4.39 -1.15 41.35
N ILE B 307 4.12 -0.42 40.27
CA ILE B 307 5.03 0.59 39.76
C ILE B 307 4.49 2.00 40.04
N SER B 308 3.54 2.13 40.97
CA SER B 308 2.99 3.44 41.30
C SER B 308 4.05 4.38 41.84
N ASP B 309 5.08 3.83 42.52
CA ASP B 309 6.15 4.65 43.07
C ASP B 309 7.12 5.15 42.02
N ILE B 310 7.07 4.63 40.79
CA ILE B 310 7.98 5.04 39.72
C ILE B 310 7.25 5.51 38.48
N VAL B 311 5.92 5.49 38.47
CA VAL B 311 5.13 6.01 37.37
C VAL B 311 4.48 7.31 37.83
N HIS B 312 4.78 8.40 37.15
CA HIS B 312 4.30 9.73 37.52
C HIS B 312 3.45 10.30 36.39
N THR B 313 2.18 10.54 36.67
CA THR B 313 1.22 11.00 35.67
C THR B 313 1.15 12.52 35.67
N SER B 314 1.27 13.11 34.49
CA SER B 314 1.15 14.55 34.30
C SER B 314 -0.04 14.85 33.40
N SER B 315 -0.82 15.86 33.77
CA SER B 315 -2.02 16.23 33.03
C SER B 315 -2.11 17.74 32.92
N GLY B 316 -2.61 18.21 31.78
CA GLY B 316 -2.78 19.64 31.57
C GLY B 316 -1.49 20.42 31.50
N LEU B 317 -0.43 19.83 30.98
CA LEU B 317 0.85 20.51 30.90
C LEU B 317 0.82 21.57 29.81
N SER B 318 1.55 22.67 30.06
CA SER B 318 1.72 23.70 29.05
C SER B 318 2.72 23.25 27.99
N ASP B 319 2.84 24.06 26.93
CA ASP B 319 3.77 23.72 25.87
C ASP B 319 5.21 23.78 26.35
N GLU B 320 5.57 24.81 27.12
CA GLU B 320 6.92 24.89 27.67
C GLU B 320 7.19 23.79 28.69
N GLU B 321 6.15 23.34 29.39
CA GLU B 321 6.34 22.28 30.38
C GLU B 321 6.63 20.95 29.71
N LEU B 322 5.99 20.69 28.56
CA LEU B 322 6.19 19.41 27.88
C LEU B 322 7.61 19.28 27.32
N ALA B 323 8.14 20.37 26.76
CA ALA B 323 9.49 20.33 26.20
C ALA B 323 10.53 20.07 27.29
N ALA B 324 10.36 20.72 28.45
CA ALA B 324 11.27 20.46 29.57
C ALA B 324 11.16 19.02 30.04
N LEU B 325 9.93 18.51 30.15
CA LEU B 325 9.75 17.11 30.54
C LEU B 325 10.23 16.16 29.45
N LEU B 326 10.19 16.59 28.19
CA LEU B 326 10.62 15.74 27.09
C LEU B 326 12.13 15.73 26.93
N ALA B 327 12.79 16.86 27.23
CA ALA B 327 14.24 16.91 27.15
C ALA B 327 14.91 16.30 28.37
N SER B 328 14.22 16.24 29.51
CA SER B 328 14.81 15.67 30.72
C SER B 328 14.93 14.15 30.64
N ALA B 329 14.10 13.50 29.82
CA ALA B 329 14.12 12.05 29.73
C ALA B 329 15.27 11.59 28.86
N GLU B 330 15.89 10.46 29.24
CA GLU B 330 16.93 9.86 28.44
C GLU B 330 16.39 8.99 27.31
N VAL B 331 15.09 8.73 27.27
CA VAL B 331 14.50 7.88 26.24
C VAL B 331 13.00 8.13 26.22
N ALA B 332 12.46 8.26 25.01
CA ALA B 332 11.02 8.34 24.80
C ALA B 332 10.52 7.02 24.27
N CYS B 333 9.26 6.70 24.58
CA CYS B 333 8.63 5.46 24.15
C CYS B 333 7.29 5.77 23.52
N ILE B 334 7.09 5.32 22.28
CA ILE B 334 5.78 5.38 21.64
C ILE B 334 5.33 3.96 21.38
N PRO B 335 4.75 3.27 22.38
CA PRO B 335 4.32 1.89 22.20
C PRO B 335 2.99 1.73 21.46
N SER B 336 2.49 2.79 20.82
CA SER B 336 1.19 2.74 20.18
C SER B 336 1.14 1.65 19.12
N LEU B 337 0.03 0.89 19.11
CA LEU B 337 -0.14 -0.18 18.14
C LEU B 337 -0.36 0.36 16.73
N TYR B 338 -0.88 1.58 16.62
CA TYR B 338 -1.03 2.24 15.33
C TYR B 338 -1.14 3.74 15.57
N GLU B 339 -0.59 4.51 14.64
CA GLU B 339 -0.64 5.97 14.73
C GLU B 339 -0.59 6.54 13.32
N GLY B 340 -1.62 7.32 12.96
CA GLY B 340 -1.57 8.01 11.69
C GLY B 340 -0.47 9.05 11.63
N PHE B 341 -0.16 9.68 12.76
CA PHE B 341 0.96 10.58 12.90
C PHE B 341 1.21 10.88 14.37
N SER B 342 2.39 10.53 14.87
CA SER B 342 2.70 10.69 16.30
C SER B 342 3.39 12.04 16.50
N LEU B 343 2.61 13.03 16.93
CA LEU B 343 3.20 14.30 17.37
C LEU B 343 4.22 14.12 18.49
N PRO B 344 4.06 13.20 19.46
CA PRO B 344 5.14 12.99 20.44
C PRO B 344 6.46 12.62 19.80
N ALA B 345 6.45 11.74 18.80
CA ALA B 345 7.70 11.31 18.16
C ALA B 345 8.41 12.49 17.50
N VAL B 346 7.64 13.45 16.97
CA VAL B 346 8.26 14.63 16.35
C VAL B 346 8.84 15.54 17.42
N GLU B 347 8.07 15.79 18.48
CA GLU B 347 8.56 16.63 19.58
C GLU B 347 9.76 15.99 20.27
N ALA B 348 9.82 14.66 20.30
CA ALA B 348 10.95 13.98 20.93
C ALA B 348 12.22 14.16 20.11
N MET B 349 12.15 13.90 18.81
CA MET B 349 13.31 14.12 17.94
C MET B 349 13.75 15.58 17.99
N ALA B 350 12.79 16.50 18.08
CA ALA B 350 13.14 17.92 18.21
C ALA B 350 13.86 18.18 19.53
N SER B 351 13.41 17.54 20.60
CA SER B 351 14.06 17.69 21.91
C SER B 351 15.38 16.93 22.01
N GLY B 352 15.76 16.19 20.97
CA GLY B 352 16.96 15.38 21.03
C GLY B 352 16.82 14.15 21.90
N THR B 353 15.60 13.63 22.05
CA THR B 353 15.33 12.49 22.91
C THR B 353 15.26 11.21 22.09
N PRO B 354 15.98 10.16 22.50
CA PRO B 354 15.88 8.88 21.79
C PRO B 354 14.46 8.34 21.85
N ILE B 355 14.16 7.47 20.88
CA ILE B 355 12.81 6.96 20.71
C ILE B 355 12.86 5.44 20.63
N VAL B 356 11.90 4.79 21.30
CA VAL B 356 11.67 3.35 21.14
C VAL B 356 10.19 3.21 20.78
N ALA B 357 9.89 3.18 19.49
CA ALA B 357 8.52 3.17 19.00
C ALA B 357 8.18 1.83 18.36
N SER B 358 6.89 1.57 18.25
CA SER B 358 6.40 0.34 17.64
C SER B 358 6.55 0.40 16.12
N ARG B 359 6.96 -0.72 15.52
CA ARG B 359 7.13 -0.82 14.08
C ARG B 359 5.76 -1.07 13.43
N ALA B 360 4.95 -0.01 13.42
CA ALA B 360 3.60 -0.09 12.88
C ALA B 360 3.12 1.31 12.52
N GLY B 361 2.29 1.37 11.47
CA GLY B 361 1.65 2.63 11.10
C GLY B 361 2.64 3.61 10.50
N ALA B 362 2.49 4.88 10.88
CA ALA B 362 3.34 5.96 10.39
C ALA B 362 4.59 6.15 11.22
N LEU B 363 4.70 5.50 12.38
CA LEU B 363 5.89 5.61 13.21
C LEU B 363 7.18 5.30 12.46
N PRO B 364 7.30 4.20 11.71
CA PRO B 364 8.54 3.99 10.95
C PRO B 364 8.78 5.04 9.89
N GLU B 365 7.75 5.79 9.48
CA GLU B 365 7.94 6.84 8.48
C GLU B 365 8.41 8.14 9.12
N VAL B 366 7.88 8.48 10.30
CA VAL B 366 8.30 9.69 10.99
C VAL B 366 9.75 9.58 11.44
N VAL B 367 10.21 8.37 11.73
CA VAL B 367 11.60 8.14 12.07
C VAL B 367 12.30 7.51 10.86
N GLY B 368 13.62 7.43 10.94
CA GLY B 368 14.39 6.79 9.89
C GLY B 368 14.38 5.28 10.03
N PRO B 369 15.33 4.61 9.39
CA PRO B 369 15.45 3.15 9.54
C PRO B 369 15.84 2.77 10.96
N ASP B 370 15.82 1.46 11.21
CA ASP B 370 16.19 0.92 12.51
C ASP B 370 17.68 1.17 12.75
N GLY B 371 17.99 1.97 13.77
CA GLY B 371 19.36 2.25 14.13
C GLY B 371 19.85 3.65 13.80
N GLU B 372 18.96 4.58 13.48
CA GLU B 372 19.38 5.95 13.19
C GLU B 372 19.14 6.85 14.40
N CYS B 373 17.87 7.14 14.68
CA CYS B 373 17.49 7.95 15.84
C CYS B 373 16.39 7.28 16.66
N ALA B 374 16.17 5.99 16.44
CA ALA B 374 15.20 5.21 17.20
C ALA B 374 15.43 3.74 16.90
N ARG B 375 14.91 2.89 17.79
CA ARG B 375 14.93 1.44 17.62
C ARG B 375 13.48 0.97 17.56
N LEU B 376 13.12 0.32 16.46
CA LEU B 376 11.76 -0.16 16.26
C LEU B 376 11.59 -1.55 16.84
N VAL B 377 10.46 -1.77 17.51
CA VAL B 377 10.14 -3.05 18.11
C VAL B 377 8.80 -3.52 17.60
N THR B 378 8.60 -4.83 17.63
CA THR B 378 7.32 -5.41 17.23
C THR B 378 6.23 -4.92 18.18
N PRO B 379 5.07 -4.49 17.66
CA PRO B 379 4.01 -4.01 18.56
C PRO B 379 3.53 -5.12 19.49
N ALA B 380 3.17 -4.71 20.71
CA ALA B 380 2.59 -5.57 21.73
C ALA B 380 3.56 -6.65 22.21
N ASP B 381 4.80 -6.67 21.73
CA ASP B 381 5.79 -7.65 22.15
C ASP B 381 6.56 -7.06 23.32
N VAL B 382 6.08 -7.36 24.54
CA VAL B 382 6.72 -6.83 25.74
C VAL B 382 8.12 -7.39 25.90
N ASP B 383 8.35 -8.63 25.42
CA ASP B 383 9.69 -9.20 25.48
C ASP B 383 10.68 -8.37 24.67
N GLU B 384 10.30 -7.97 23.46
CA GLU B 384 11.18 -7.16 22.64
C GLU B 384 11.34 -5.75 23.20
N LEU B 385 10.23 -5.15 23.62
CA LEU B 385 10.28 -3.79 24.16
C LEU B 385 11.15 -3.72 25.41
N THR B 386 11.03 -4.71 26.29
CA THR B 386 11.85 -4.71 27.50
C THR B 386 13.32 -4.89 27.17
N ALA B 387 13.64 -5.83 26.27
CA ALA B 387 15.04 -6.07 25.93
C ALA B 387 15.65 -4.89 25.19
N VAL B 388 14.88 -4.26 24.30
CA VAL B 388 15.40 -3.11 23.57
C VAL B 388 15.58 -1.91 24.49
N LEU B 389 14.60 -1.66 25.37
CA LEU B 389 14.75 -0.58 26.34
C LEU B 389 15.92 -0.82 27.28
N GLY B 390 16.23 -2.09 27.57
CA GLY B 390 17.33 -2.42 28.44
C GLY B 390 18.69 -2.25 27.79
N ARG B 391 18.82 -2.73 26.55
CA ARG B 391 20.10 -2.62 25.85
C ARG B 391 20.43 -1.17 25.52
N LEU B 392 19.41 -0.32 25.35
CA LEU B 392 19.67 1.09 25.06
C LEU B 392 20.00 1.87 26.33
N LEU B 393 19.25 1.66 27.40
CA LEU B 393 19.52 2.35 28.65
C LEU B 393 20.83 1.90 29.28
N ASP B 394 21.31 0.71 28.95
CA ASP B 394 22.58 0.25 29.51
C ASP B 394 23.76 1.05 28.97
N SER B 395 23.70 1.45 27.70
CA SER B 395 24.79 2.21 27.10
C SER B 395 24.34 3.66 26.86
N PRO B 396 24.75 4.61 27.71
CA PRO B 396 24.41 6.02 27.44
C PRO B 396 25.03 6.57 26.16
N ARG B 397 25.98 5.85 25.56
CA ARG B 397 26.57 6.29 24.30
C ARG B 397 25.61 6.07 23.13
N GLU B 398 25.06 4.86 23.02
CA GLU B 398 24.10 4.58 21.96
C GLU B 398 22.83 5.42 22.12
N LEU B 399 22.50 5.80 23.35
CA LEU B 399 21.37 6.71 23.55
C LEU B 399 21.68 8.11 23.07
N ARG B 400 22.88 8.61 23.36
CA ARG B 400 23.28 9.93 22.89
C ARG B 400 23.54 9.96 21.39
N ARG B 401 23.83 8.80 20.78
CA ARG B 401 23.94 8.73 19.33
C ARG B 401 22.56 8.75 18.67
N LEU B 402 21.60 8.01 19.24
CA LEU B 402 20.23 8.07 18.74
C LEU B 402 19.53 9.36 19.17
N GLY B 403 19.94 9.94 20.29
CA GLY B 403 19.47 11.27 20.63
C GLY B 403 19.87 12.30 19.60
N ASP B 404 21.16 12.30 19.24
CA ASP B 404 21.57 12.96 18.02
C ASP B 404 20.96 12.23 16.82
N ASN B 405 21.09 12.86 15.64
CA ASN B 405 20.47 12.36 14.41
C ASN B 405 18.94 12.43 14.50
N GLY B 406 18.42 12.80 15.67
CA GLY B 406 17.01 13.05 15.83
C GLY B 406 16.74 14.54 15.85
N ARG B 407 17.64 15.29 16.50
CA ARG B 407 17.61 16.75 16.40
C ARG B 407 17.84 17.18 14.96
N ARG B 408 18.67 16.47 14.22
CA ARG B 408 18.87 16.77 12.80
C ARG B 408 17.61 16.49 12.00
N ARG B 409 17.02 15.30 12.20
CA ARG B 409 15.85 14.92 11.41
C ARG B 409 14.67 15.83 11.68
N ALA B 410 14.59 16.42 12.89
CA ALA B 410 13.47 17.29 13.21
C ALA B 410 13.66 18.68 12.61
N VAL B 411 14.89 19.21 12.64
CA VAL B 411 15.15 20.52 12.06
C VAL B 411 15.02 20.46 10.54
N GLU B 412 15.53 19.39 9.93
CA GLU B 412 15.50 19.29 8.47
C GLU B 412 14.10 18.92 7.97
N VAL B 413 13.57 17.79 8.43
CA VAL B 413 12.35 17.23 7.87
C VAL B 413 11.09 17.83 8.50
N PHE B 414 11.08 18.03 9.82
CA PHE B 414 9.84 18.36 10.51
C PHE B 414 9.83 19.78 11.06
N SER B 415 10.48 20.71 10.36
CA SER B 415 10.35 22.12 10.71
C SER B 415 8.93 22.59 10.37
N TRP B 416 8.30 23.31 11.30
CA TRP B 416 6.99 23.88 11.02
C TRP B 416 7.04 24.82 9.82
N GLN B 417 8.19 25.47 9.60
CA GLN B 417 8.36 26.32 8.42
C GLN B 417 8.45 25.47 7.15
N SER B 418 9.17 24.35 7.22
CA SER B 418 9.24 23.45 6.08
C SER B 418 7.90 22.78 5.81
N VAL B 419 7.11 22.52 6.86
CA VAL B 419 5.78 21.95 6.67
C VAL B 419 4.87 22.95 5.97
N ALA B 420 4.90 24.21 6.42
CA ALA B 420 4.08 25.24 5.78
C ALA B 420 4.53 25.52 4.36
N ALA B 421 5.84 25.45 4.10
CA ALA B 421 6.35 25.68 2.74
C ALA B 421 5.82 24.64 1.77
N GLN B 422 5.64 23.39 2.23
CA GLN B 422 5.06 22.34 1.41
C GLN B 422 3.56 22.50 1.22
N THR B 423 2.88 23.17 2.17
CA THR B 423 1.43 23.34 2.06
C THR B 423 1.07 24.35 0.97
N VAL B 424 1.93 25.35 0.75
CA VAL B 424 1.63 26.36 -0.27
C VAL B 424 1.63 25.75 -1.67
N ALA B 425 2.38 24.66 -1.87
CA ALA B 425 2.44 24.04 -3.19
C ALA B 425 1.10 23.45 -3.59
N VAL B 426 0.39 22.84 -2.65
CA VAL B 426 -0.94 22.31 -2.96
C VAL B 426 -1.91 23.44 -3.22
N TYR B 427 -1.73 24.58 -2.55
CA TYR B 427 -2.50 25.77 -2.90
C TYR B 427 -2.15 26.25 -4.31
N GLU B 428 -0.86 26.21 -4.67
CA GLU B 428 -0.45 26.56 -6.01
C GLU B 428 -0.98 25.57 -7.04
N LYS B 429 -1.08 24.29 -6.66
CA LYS B 429 -1.71 23.31 -7.55
C LYS B 429 -3.15 23.70 -7.85
N ALA B 430 -3.86 24.22 -6.85
CA ALA B 430 -5.19 24.80 -7.07
C ALA B 430 -5.07 26.30 -7.36
N ILE B 431 -4.16 26.65 -8.26
CA ILE B 431 -3.93 28.03 -8.63
C ILE B 431 -3.10 28.10 -9.92
#